data_9CAH
#
_entry.id   9CAH
#
_cell.length_a   1.00
_cell.length_b   1.00
_cell.length_c   1.00
_cell.angle_alpha   90.00
_cell.angle_beta   90.00
_cell.angle_gamma   90.00
#
_symmetry.space_group_name_H-M   'P 1'
#
loop_
_entity.id
_entity.type
_entity.pdbx_description
1 polymer 'DNA topoisomerase 3-beta-1'
2 polymer 'Tudor domain-containing protein 3'
3 non-polymer 'MANGANESE (II) ION'
4 non-polymer 'ZINC ION'
#
loop_
_entity_poly.entity_id
_entity_poly.type
_entity_poly.pdbx_seq_one_letter_code
_entity_poly.pdbx_strand_id
1 'polypeptide(L)'
;HMKTVLMVAEKPSLAQSIAKILSRGSLSSHKGLNGACSVHEYTGTFAGQPVRFKMTSVCGHVMTLDFLGKYNKWDKVDPA
ELFSQAPTEKKEANPKLNMVKFLQVEGRGCDYIVLWLDCDKEGENICFEVLDAVLPVMNKAHGGEKTVFRARFSSITDTD
ICNAMACLGEPDHNEALSVDARQELDLRIGCAFTRFQTKYFQGKYGDLDSSLISFGPCQTPTLGFCVERHDKIQSFKPET
YWVLQAKVNTDKDRSLLLDWDRVRVFDREIAQMFLNMTKLEKEAQVEATSRKEKAKQRPLALNTVEMLRVASSSLGMGPQ
HAMQTAERLYTQGYISYPRTETTHYPENFDLKGSLRQQANHPYWADTVKRLLAEGINRPRKGHDAGDHPPITPMKSATEA
ELGGDAWRLYEYITRHFIATVSHDCKYLQSTISFRIGPELFTCSGKTVLSPGFTEVMPWQSVPLEESLPTCQRGDAFPVG
EVKMLEKQTNPPDYLTEAELITLMEKHGIGTDASIPVHINNICQRNYVTVESGRRLKPTNLGIVLVHGYYKIDAELVLPT
IRSAVEKQLNLIAQGKADYRQVLGHTLDVFKRKFHYFVDSIAGMDELMEVSFSPLAATGKPLSRCGKCHRFMKYIQAKPS
RLHCSHCDETYTLPNNGTIKLYKELRCPLDDFELVLWSSGSRGKSYPLCPYCYNHPPFRDMKKGMGCNECTHPSCQHS
;
A
2 'polypeptide(L)'
;MAQVAGAALSQAGWYLSDEGIEACTSSPDKVNVNDIILIALNTDLRTIGKKFLPSDINSGKVEKLEGPCVLQIQKIRNVA
APKDNEESQAAPRMLRLQMTDGHISCTAVEFSYMSKISLNTPPGTKVKLSGIVDIKNGFLLLNDSNTTVLGGEVEHLIEK
WELQRSLSKHNRSNIGTEGGPPPFVPFGQ
;
B
#
loop_
_chem_comp.id
_chem_comp.type
_chem_comp.name
_chem_comp.formula
MN non-polymer 'MANGANESE (II) ION' 'Mn 2'
ZN non-polymer 'ZINC ION' 'Zn 2'
#
# COMPACT_ATOMS: atom_id res chain seq x y z
N HIS A 1 -7.42 -63.14 -8.31
CA HIS A 1 -7.44 -62.63 -6.95
C HIS A 1 -7.64 -61.12 -6.94
N MET A 2 -8.25 -60.61 -5.87
CA MET A 2 -8.54 -59.18 -5.76
C MET A 2 -7.27 -58.42 -5.39
N LYS A 3 -6.97 -57.37 -6.14
CA LYS A 3 -5.84 -56.51 -5.86
C LYS A 3 -6.31 -55.25 -5.12
N THR A 4 -5.34 -54.42 -4.73
CA THR A 4 -5.59 -53.34 -3.80
C THR A 4 -5.16 -51.99 -4.36
N VAL A 5 -5.81 -50.93 -3.85
CA VAL A 5 -5.51 -49.55 -4.20
C VAL A 5 -5.34 -48.77 -2.91
N LEU A 6 -4.38 -47.85 -2.88
CA LEU A 6 -4.08 -47.07 -1.70
C LEU A 6 -4.43 -45.60 -1.91
N MET A 7 -4.91 -44.96 -0.85
CA MET A 7 -5.30 -43.55 -0.86
C MET A 7 -4.61 -42.83 0.27
N VAL A 8 -4.22 -41.57 0.03
CA VAL A 8 -3.59 -40.73 1.04
C VAL A 8 -4.33 -39.39 1.08
N ALA A 9 -4.72 -38.98 2.29
CA ALA A 9 -5.31 -37.67 2.53
C ALA A 9 -4.38 -36.84 3.42
N GLU A 10 -4.67 -35.54 3.51
CA GLU A 10 -3.80 -34.62 4.28
C GLU A 10 -4.16 -34.64 5.78
N LYS A 11 -5.38 -35.05 6.12
CA LYS A 11 -5.80 -35.09 7.51
C LYS A 11 -6.62 -36.34 7.76
N PRO A 12 -6.54 -36.92 8.95
CA PRO A 12 -7.36 -38.12 9.25
C PRO A 12 -8.85 -37.87 9.14
N SER A 13 -9.31 -36.68 9.54
CA SER A 13 -10.73 -36.36 9.41
C SER A 13 -11.15 -36.29 7.94
N LEU A 14 -10.33 -35.68 7.09
CA LEU A 14 -10.60 -35.68 5.66
C LEU A 14 -10.61 -37.09 5.11
N ALA A 15 -9.67 -37.92 5.56
CA ALA A 15 -9.63 -39.31 5.11
C ALA A 15 -10.92 -40.03 5.47
N GLN A 16 -11.38 -39.87 6.71
CA GLN A 16 -12.62 -40.51 7.15
C GLN A 16 -13.81 -40.01 6.35
N SER A 17 -13.89 -38.69 6.12
CA SER A 17 -15.02 -38.13 5.38
C SER A 17 -15.06 -38.65 3.95
N ILE A 18 -13.92 -38.62 3.27
CA ILE A 18 -13.89 -39.06 1.87
C ILE A 18 -14.13 -40.56 1.78
N ALA A 19 -13.62 -41.34 2.75
CA ALA A 19 -13.88 -42.76 2.76
C ALA A 19 -15.37 -43.05 2.95
N LYS A 20 -16.03 -42.29 3.83
CA LYS A 20 -17.46 -42.46 4.01
C LYS A 20 -18.22 -42.10 2.74
N ILE A 21 -17.81 -41.02 2.06
CA ILE A 21 -18.50 -40.60 0.85
C ILE A 21 -18.37 -41.66 -0.25
N LEU A 22 -17.15 -42.17 -0.45
CA LEU A 22 -16.92 -43.11 -1.54
C LEU A 22 -17.42 -44.51 -1.23
N SER A 23 -17.37 -44.93 0.04
CA SER A 23 -17.70 -46.30 0.40
C SER A 23 -19.19 -46.54 0.57
N ARG A 24 -20.01 -45.50 0.53
CA ARG A 24 -21.46 -45.61 0.68
C ARG A 24 -21.83 -46.31 1.98
N GLY A 25 -21.19 -45.92 3.07
CA GLY A 25 -21.50 -46.46 4.38
C GLY A 25 -20.65 -47.64 4.80
N SER A 26 -20.62 -48.69 3.98
CA SER A 26 -19.83 -49.88 4.30
C SER A 26 -18.34 -49.52 4.35
N LEU A 27 -17.77 -49.53 5.55
CA LEU A 27 -16.40 -49.04 5.73
C LEU A 27 -15.82 -49.64 7.00
N SER A 28 -14.80 -50.48 6.86
CA SER A 28 -14.04 -50.94 8.01
C SER A 28 -12.95 -49.93 8.33
N SER A 29 -12.63 -49.79 9.61
CA SER A 29 -11.63 -48.81 10.02
C SER A 29 -10.87 -49.32 11.23
N HIS A 30 -9.56 -49.09 11.24
CA HIS A 30 -8.75 -49.43 12.40
C HIS A 30 -7.54 -48.52 12.48
N LYS A 31 -7.07 -48.28 13.70
CA LYS A 31 -5.99 -47.33 13.91
C LYS A 31 -4.66 -47.89 13.42
N GLY A 32 -3.77 -46.98 13.01
CA GLY A 32 -2.44 -47.35 12.61
C GLY A 32 -1.48 -47.42 13.78
N LEU A 33 -0.23 -47.79 13.47
CA LEU A 33 0.78 -47.91 14.51
C LEU A 33 1.26 -46.56 15.02
N ASN A 34 1.01 -45.48 14.28
CA ASN A 34 1.46 -44.16 14.70
C ASN A 34 0.60 -43.58 15.82
N GLY A 35 -0.62 -44.08 16.02
CA GLY A 35 -1.47 -43.62 17.08
C GLY A 35 -2.30 -42.39 16.77
N ALA A 36 -2.11 -41.79 15.60
CA ALA A 36 -2.87 -40.59 15.23
C ALA A 36 -3.61 -40.72 13.91
N CYS A 37 -3.26 -41.68 13.05
CA CYS A 37 -3.92 -41.88 11.76
C CYS A 37 -4.58 -43.24 11.74
N SER A 38 -5.77 -43.30 11.15
CA SER A 38 -6.52 -44.53 11.03
C SER A 38 -6.68 -44.89 9.55
N VAL A 39 -6.71 -46.19 9.27
CA VAL A 39 -6.83 -46.70 7.91
C VAL A 39 -8.22 -47.29 7.73
N HIS A 40 -8.82 -46.99 6.58
CA HIS A 40 -10.16 -47.43 6.25
C HIS A 40 -10.11 -48.32 5.01
N GLU A 41 -10.92 -49.38 5.02
CA GLU A 41 -10.94 -50.37 3.96
C GLU A 41 -12.38 -50.64 3.53
N TYR A 42 -12.53 -50.89 2.23
CA TYR A 42 -13.80 -51.31 1.64
C TYR A 42 -13.49 -51.94 0.28
N THR A 43 -14.55 -52.26 -0.47
CA THR A 43 -14.41 -52.93 -1.75
C THR A 43 -15.17 -52.14 -2.81
N GLY A 44 -14.54 -51.93 -3.96
CA GLY A 44 -15.14 -51.18 -5.05
C GLY A 44 -14.55 -51.61 -6.37
N THR A 45 -14.59 -50.71 -7.35
CA THR A 45 -14.07 -50.99 -8.67
C THR A 45 -13.11 -49.88 -9.11
N PHE A 46 -11.98 -50.29 -9.67
CA PHE A 46 -11.01 -49.37 -10.24
C PHE A 46 -10.61 -49.88 -11.63
N ALA A 47 -10.37 -48.93 -12.54
CA ALA A 47 -10.09 -49.25 -13.94
C ALA A 47 -11.20 -50.15 -14.49
N GLY A 48 -10.96 -51.45 -14.50
CA GLY A 48 -11.97 -52.40 -14.91
C GLY A 48 -11.98 -53.67 -14.10
N GLN A 49 -11.48 -53.59 -12.86
CA GLN A 49 -11.37 -54.76 -12.00
C GLN A 49 -11.99 -54.48 -10.65
N PRO A 50 -12.52 -55.51 -9.98
CA PRO A 50 -13.01 -55.35 -8.61
C PRO A 50 -11.83 -55.39 -7.63
N VAL A 51 -11.66 -54.31 -6.86
CA VAL A 51 -10.46 -54.12 -6.06
C VAL A 51 -10.82 -53.67 -4.65
N ARG A 52 -9.91 -53.95 -3.72
CA ARG A 52 -10.00 -53.47 -2.36
C ARG A 52 -9.36 -52.09 -2.25
N PHE A 53 -9.83 -51.31 -1.29
CA PHE A 53 -9.34 -49.95 -1.07
C PHE A 53 -8.71 -49.85 0.31
N LYS A 54 -7.72 -48.97 0.43
CA LYS A 54 -7.01 -48.77 1.69
C LYS A 54 -6.67 -47.29 1.77
N MET A 55 -7.50 -46.52 2.46
CA MET A 55 -7.33 -45.07 2.54
C MET A 55 -6.79 -44.68 3.90
N THR A 56 -5.74 -43.87 3.91
CA THR A 56 -5.11 -43.39 5.13
C THR A 56 -4.84 -41.90 4.96
N SER A 57 -4.13 -41.33 5.94
CA SER A 57 -3.90 -39.90 5.93
C SER A 57 -2.52 -39.58 6.45
N VAL A 58 -2.05 -38.39 6.12
CA VAL A 58 -0.84 -37.84 6.69
C VAL A 58 -1.24 -36.75 7.68
N CYS A 59 -0.27 -36.23 8.42
CA CYS A 59 -0.50 -35.14 9.37
C CYS A 59 0.20 -33.90 8.82
N GLY A 60 -0.50 -33.17 7.96
CA GLY A 60 0.09 -32.00 7.34
C GLY A 60 1.29 -32.36 6.50
N HIS A 61 2.33 -31.53 6.58
CA HIS A 61 3.58 -31.84 5.90
C HIS A 61 4.23 -33.08 6.50
N VAL A 62 4.84 -33.88 5.62
CA VAL A 62 5.48 -35.12 6.05
C VAL A 62 7.01 -35.00 6.09
N MET A 63 7.60 -34.05 5.39
CA MET A 63 9.05 -33.86 5.39
C MET A 63 9.35 -32.36 5.41
N THR A 64 10.29 -31.97 6.27
CA THR A 64 10.66 -30.56 6.42
C THR A 64 12.15 -30.38 6.16
N LEU A 65 12.47 -29.29 5.46
CA LEU A 65 13.83 -29.05 5.00
C LEU A 65 14.70 -28.45 6.11
N ASP A 66 15.94 -28.90 6.18
CA ASP A 66 16.94 -28.34 7.09
C ASP A 66 18.32 -28.68 6.52
N PHE A 67 19.37 -28.44 7.31
CA PHE A 67 20.72 -28.69 6.88
C PHE A 67 21.17 -30.09 7.31
N LEU A 68 22.43 -30.40 7.05
CA LEU A 68 22.97 -31.73 7.30
C LEU A 68 23.35 -31.95 8.76
N GLY A 69 23.02 -31.01 9.64
CA GLY A 69 23.35 -31.15 11.05
C GLY A 69 24.66 -30.49 11.43
N LYS A 70 25.75 -30.90 10.77
CA LYS A 70 27.04 -30.27 11.02
C LYS A 70 27.02 -28.78 10.72
N TYR A 71 26.18 -28.37 9.78
CA TYR A 71 26.02 -26.96 9.43
C TYR A 71 24.92 -26.28 10.24
N ASN A 72 24.20 -27.04 11.08
CA ASN A 72 23.08 -26.48 11.82
C ASN A 72 23.52 -25.77 13.11
N LYS A 73 24.76 -25.95 13.54
CA LYS A 73 25.24 -25.32 14.76
C LYS A 73 25.59 -23.86 14.47
N TRP A 74 24.85 -22.93 15.08
CA TRP A 74 25.07 -21.52 14.81
C TRP A 74 26.34 -20.98 15.47
N ASP A 75 26.84 -21.65 16.51
CA ASP A 75 28.00 -21.14 17.22
C ASP A 75 29.28 -21.30 16.39
N LYS A 76 29.47 -22.47 15.78
CA LYS A 76 30.68 -22.78 15.03
C LYS A 76 30.31 -23.05 13.58
N VAL A 77 30.20 -21.98 12.79
CA VAL A 77 29.90 -22.08 11.37
C VAL A 77 30.19 -20.72 10.73
N ASP A 78 30.50 -20.71 9.43
CA ASP A 78 30.64 -19.46 8.71
C ASP A 78 29.33 -19.13 8.02
N PRO A 79 28.53 -18.19 8.55
CA PRO A 79 27.18 -18.01 8.03
C PRO A 79 27.17 -17.27 6.70
N ALA A 80 28.11 -17.65 5.83
CA ALA A 80 28.13 -17.24 4.44
C ALA A 80 28.28 -18.43 3.51
N GLU A 81 28.56 -19.62 4.03
CA GLU A 81 28.66 -20.83 3.22
C GLU A 81 27.38 -21.66 3.26
N LEU A 82 26.30 -21.11 3.81
CA LEU A 82 24.99 -21.74 3.73
C LEU A 82 24.29 -21.46 2.41
N PHE A 83 24.85 -20.59 1.56
CA PHE A 83 24.19 -20.22 0.32
C PHE A 83 24.33 -21.31 -0.74
N SER A 84 25.57 -21.68 -1.07
CA SER A 84 25.80 -22.65 -2.13
C SER A 84 26.88 -23.66 -1.75
N GLN A 85 27.07 -23.91 -0.46
CA GLN A 85 28.06 -24.89 -0.04
C GLN A 85 27.47 -25.87 0.97
N ALA A 86 26.44 -25.44 1.70
CA ALA A 86 25.84 -26.28 2.73
C ALA A 86 24.75 -27.16 2.10
N PRO A 87 24.84 -28.48 2.23
CA PRO A 87 23.78 -29.34 1.69
C PRO A 87 22.50 -29.21 2.50
N THR A 88 21.39 -29.58 1.85
CA THR A 88 20.06 -29.53 2.45
C THR A 88 19.40 -30.89 2.35
N GLU A 89 18.58 -31.21 3.35
CA GLU A 89 17.88 -32.48 3.39
C GLU A 89 16.56 -32.31 4.14
N LYS A 90 15.55 -33.04 3.69
CA LYS A 90 14.24 -33.07 4.35
C LYS A 90 14.28 -34.18 5.40
N LYS A 91 14.25 -33.80 6.67
CA LYS A 91 14.63 -34.75 7.72
C LYS A 91 13.50 -35.68 8.16
N GLU A 92 12.53 -35.17 8.93
CA GLU A 92 11.43 -36.05 9.30
C GLU A 92 10.07 -35.37 9.46
N ALA A 93 10.05 -34.07 9.79
CA ALA A 93 8.81 -33.33 10.01
C ALA A 93 7.96 -33.99 11.11
N ASN A 94 8.42 -33.79 12.36
CA ASN A 94 7.83 -34.35 13.57
C ASN A 94 8.02 -35.87 13.64
N PRO A 95 9.26 -36.32 13.87
CA PRO A 95 9.53 -37.78 13.90
C PRO A 95 8.70 -38.55 14.89
N LYS A 96 8.02 -37.90 15.82
CA LYS A 96 7.16 -38.60 16.76
C LYS A 96 6.01 -39.31 16.05
N LEU A 97 5.70 -38.92 14.80
CA LEU A 97 4.62 -39.56 14.06
C LEU A 97 5.06 -40.77 13.26
N ASN A 98 6.35 -40.86 12.89
CA ASN A 98 6.87 -41.99 12.12
C ASN A 98 6.07 -42.20 10.83
N MET A 99 5.77 -41.10 10.15
CA MET A 99 4.87 -41.16 9.00
C MET A 99 5.48 -41.93 7.84
N VAL A 100 6.79 -41.82 7.65
CA VAL A 100 7.43 -42.52 6.53
C VAL A 100 7.30 -44.04 6.72
N LYS A 101 7.63 -44.52 7.93
CA LYS A 101 7.50 -45.95 8.21
C LYS A 101 6.05 -46.39 8.15
N PHE A 102 5.13 -45.56 8.64
CA PHE A 102 3.71 -45.90 8.59
C PHE A 102 3.25 -46.05 7.14
N LEU A 103 3.64 -45.12 6.28
CA LEU A 103 3.27 -45.20 4.87
C LEU A 103 3.88 -46.42 4.21
N GLN A 104 5.14 -46.74 4.55
CA GLN A 104 5.80 -47.89 3.95
C GLN A 104 5.10 -49.18 4.35
N VAL A 105 4.77 -49.33 5.64
CA VAL A 105 4.12 -50.56 6.08
C VAL A 105 2.69 -50.64 5.55
N GLU A 106 2.03 -49.49 5.36
CA GLU A 106 0.68 -49.51 4.81
C GLU A 106 0.70 -49.89 3.33
N GLY A 107 1.68 -49.39 2.57
CA GLY A 107 1.78 -49.69 1.16
C GLY A 107 2.72 -50.83 0.86
N ARG A 108 3.02 -51.64 1.88
CA ARG A 108 3.89 -52.80 1.69
C ARG A 108 3.42 -53.67 0.53
N GLY A 109 2.11 -53.85 0.39
CA GLY A 109 1.57 -54.48 -0.79
C GLY A 109 0.49 -53.63 -1.44
N CYS A 110 0.78 -53.10 -2.63
CA CYS A 110 -0.15 -52.21 -3.31
C CYS A 110 0.17 -52.22 -4.80
N ASP A 111 -0.83 -51.84 -5.61
CA ASP A 111 -0.67 -51.74 -7.04
C ASP A 111 -1.09 -50.40 -7.62
N TYR A 112 -1.99 -49.66 -6.96
CA TYR A 112 -2.38 -48.34 -7.38
C TYR A 112 -2.35 -47.40 -6.20
N ILE A 113 -2.05 -46.13 -6.46
CA ILE A 113 -2.12 -45.08 -5.46
C ILE A 113 -2.90 -43.90 -6.04
N VAL A 114 -3.82 -43.35 -5.26
CA VAL A 114 -4.50 -42.10 -5.58
C VAL A 114 -4.30 -41.18 -4.39
N LEU A 115 -3.95 -39.93 -4.65
CA LEU A 115 -3.61 -38.98 -3.60
C LEU A 115 -4.70 -37.93 -3.49
N TRP A 116 -5.36 -37.86 -2.33
CA TRP A 116 -6.40 -36.90 -2.06
C TRP A 116 -5.90 -35.68 -1.28
N LEU A 117 -4.65 -35.29 -1.52
CA LEU A 117 -4.10 -34.12 -0.88
C LEU A 117 -4.83 -32.86 -1.35
N ASP A 118 -4.67 -31.79 -0.56
CA ASP A 118 -5.30 -30.49 -0.94
C ASP A 118 -4.79 -30.14 -2.34
N CYS A 119 -5.66 -29.59 -3.17
CA CYS A 119 -5.34 -29.28 -4.56
C CYS A 119 -4.60 -27.96 -4.72
N ASP A 120 -4.08 -27.39 -3.62
CA ASP A 120 -3.25 -26.20 -3.73
C ASP A 120 -1.85 -26.58 -4.20
N LYS A 121 -1.03 -25.55 -4.44
CA LYS A 121 0.34 -25.79 -4.88
C LYS A 121 1.15 -26.52 -3.82
N GLU A 122 0.87 -26.21 -2.55
CA GLU A 122 1.61 -26.84 -1.43
C GLU A 122 1.25 -28.32 -1.36
N GLY A 123 0.06 -28.70 -1.81
CA GLY A 123 -0.36 -30.08 -1.71
C GLY A 123 0.42 -31.01 -2.61
N GLU A 124 0.90 -30.51 -3.75
CA GLU A 124 1.67 -31.36 -4.65
C GLU A 124 3.02 -31.75 -4.04
N ASN A 125 3.59 -30.89 -3.20
CA ASN A 125 4.82 -31.24 -2.50
C ASN A 125 4.60 -32.44 -1.59
N ILE A 126 3.50 -32.44 -0.82
CA ILE A 126 3.18 -33.58 0.02
C ILE A 126 2.86 -34.80 -0.83
N CYS A 127 2.20 -34.58 -1.97
CA CYS A 127 1.91 -35.68 -2.88
C CYS A 127 3.18 -36.39 -3.32
N PHE A 128 4.19 -35.62 -3.76
CA PHE A 128 5.42 -36.24 -4.22
C PHE A 128 6.28 -36.75 -3.08
N GLU A 129 6.18 -36.17 -1.88
CA GLU A 129 6.85 -36.75 -0.73
C GLU A 129 6.27 -38.12 -0.39
N VAL A 130 4.95 -38.24 -0.41
CA VAL A 130 4.30 -39.53 -0.19
C VAL A 130 4.68 -40.51 -1.29
N LEU A 131 4.76 -40.03 -2.53
CA LEU A 131 5.18 -40.88 -3.63
C LEU A 131 6.61 -41.40 -3.43
N ASP A 132 7.52 -40.52 -3.00
CA ASP A 132 8.88 -40.95 -2.70
C ASP A 132 8.92 -41.95 -1.56
N ALA A 133 8.03 -41.79 -0.58
CA ALA A 133 8.01 -42.71 0.55
C ALA A 133 7.43 -44.07 0.20
N VAL A 134 6.46 -44.12 -0.71
CA VAL A 134 5.70 -45.35 -0.94
C VAL A 134 6.10 -46.09 -2.22
N LEU A 135 6.71 -45.42 -3.19
CA LEU A 135 6.99 -46.07 -4.47
C LEU A 135 7.86 -47.32 -4.36
N PRO A 136 8.96 -47.36 -3.60
CA PRO A 136 9.78 -48.58 -3.58
C PRO A 136 9.08 -49.80 -3.00
N VAL A 137 8.01 -49.63 -2.22
CA VAL A 137 7.41 -50.76 -1.52
C VAL A 137 6.12 -51.24 -2.20
N MET A 138 5.78 -50.70 -3.37
CA MET A 138 4.63 -51.16 -4.12
C MET A 138 5.07 -52.15 -5.20
N ASN A 139 4.09 -52.69 -5.91
CA ASN A 139 4.36 -53.66 -6.96
C ASN A 139 4.85 -52.95 -8.22
N LYS A 140 5.79 -53.60 -8.91
CA LYS A 140 6.35 -53.03 -10.14
C LYS A 140 5.35 -53.07 -11.29
N ALA A 141 4.28 -53.86 -11.16
CA ALA A 141 3.24 -54.02 -12.18
C ALA A 141 3.79 -54.69 -13.44
N HIS A 142 2.91 -55.05 -14.36
CA HIS A 142 3.33 -55.75 -15.57
C HIS A 142 4.06 -54.85 -16.56
N GLY A 143 3.81 -53.55 -16.50
CA GLY A 143 4.53 -52.62 -17.36
C GLY A 143 3.65 -51.72 -18.19
N GLY A 144 3.86 -50.41 -18.08
CA GLY A 144 3.16 -49.43 -18.87
C GLY A 144 1.86 -48.91 -18.28
N GLU A 145 1.18 -49.73 -17.48
CA GLU A 145 -0.10 -49.33 -16.91
C GLU A 145 0.09 -48.20 -15.91
N LYS A 146 -0.80 -47.20 -15.98
CA LYS A 146 -0.73 -46.07 -15.07
C LYS A 146 -0.99 -46.52 -13.63
N THR A 147 -0.14 -46.09 -12.71
CA THR A 147 -0.24 -46.45 -11.31
C THR A 147 -0.54 -45.26 -10.41
N VAL A 148 0.26 -44.20 -10.51
CA VAL A 148 0.03 -43.01 -9.70
C VAL A 148 -1.16 -42.23 -10.27
N PHE A 149 -2.06 -41.83 -9.40
CA PHE A 149 -3.22 -41.05 -9.79
C PHE A 149 -3.35 -39.84 -8.87
N ARG A 150 -4.02 -38.81 -9.38
CA ARG A 150 -4.25 -37.57 -8.64
C ARG A 150 -5.73 -37.21 -8.71
N ALA A 151 -6.31 -36.88 -7.55
CA ALA A 151 -7.71 -36.51 -7.46
C ALA A 151 -7.81 -35.01 -7.28
N ARG A 152 -8.58 -34.36 -8.16
CA ARG A 152 -8.77 -32.92 -8.11
C ARG A 152 -10.18 -32.61 -7.61
N PHE A 153 -10.27 -31.84 -6.54
CA PHE A 153 -11.53 -31.54 -5.90
C PHE A 153 -11.40 -30.22 -5.14
N SER A 154 -12.53 -29.62 -4.80
CA SER A 154 -12.57 -28.35 -4.11
C SER A 154 -13.38 -28.35 -2.84
N SER A 155 -14.41 -29.17 -2.74
CA SER A 155 -15.22 -29.28 -1.54
C SER A 155 -15.38 -30.74 -1.17
N ILE A 156 -15.43 -31.02 0.13
CA ILE A 156 -15.64 -32.39 0.63
C ILE A 156 -17.15 -32.58 0.69
N THR A 157 -17.73 -32.94 -0.45
CA THR A 157 -19.17 -33.13 -0.55
C THR A 157 -19.48 -34.31 -1.45
N ASP A 158 -20.71 -34.81 -1.30
CA ASP A 158 -21.17 -35.96 -2.07
C ASP A 158 -21.33 -35.57 -3.53
N THR A 159 -20.97 -36.51 -4.41
CA THR A 159 -20.97 -36.40 -5.86
C THR A 159 -19.86 -35.46 -6.32
N ASP A 160 -19.31 -34.67 -5.40
CA ASP A 160 -18.11 -33.91 -5.72
C ASP A 160 -16.88 -34.79 -5.57
N ILE A 161 -16.82 -35.56 -4.50
CA ILE A 161 -15.79 -36.59 -4.41
C ILE A 161 -15.96 -37.60 -5.53
N CYS A 162 -17.21 -37.89 -5.93
CA CYS A 162 -17.45 -38.84 -7.00
C CYS A 162 -16.93 -38.33 -8.34
N ASN A 163 -17.21 -37.07 -8.69
CA ASN A 163 -16.67 -36.54 -9.93
C ASN A 163 -15.16 -36.32 -9.86
N ALA A 164 -14.62 -36.13 -8.65
CA ALA A 164 -13.16 -36.14 -8.50
C ALA A 164 -12.59 -37.51 -8.84
N MET A 165 -13.26 -38.57 -8.39
CA MET A 165 -12.85 -39.93 -8.75
C MET A 165 -12.99 -40.18 -10.25
N ALA A 166 -14.05 -39.64 -10.87
CA ALA A 166 -14.34 -39.92 -12.28
C ALA A 166 -13.31 -39.34 -13.24
N CYS A 167 -12.50 -38.38 -12.81
CA CYS A 167 -11.56 -37.69 -13.70
C CYS A 167 -10.17 -37.58 -13.07
N LEU A 168 -9.65 -38.72 -12.60
CA LEU A 168 -8.34 -38.73 -11.97
C LEU A 168 -7.26 -38.32 -12.96
N GLY A 169 -6.24 -37.63 -12.45
CA GLY A 169 -5.15 -37.10 -13.26
C GLY A 169 -3.79 -37.46 -12.68
N GLU A 170 -2.85 -36.53 -12.81
CA GLU A 170 -1.48 -36.72 -12.40
C GLU A 170 -0.99 -35.54 -11.58
N PRO A 171 -0.03 -35.76 -10.68
CA PRO A 171 0.54 -34.64 -9.92
C PRO A 171 1.42 -33.77 -10.81
N ASP A 172 1.73 -32.57 -10.29
CA ASP A 172 2.47 -31.57 -11.06
C ASP A 172 3.84 -31.37 -10.41
N HIS A 173 4.86 -31.97 -11.02
CA HIS A 173 6.23 -31.82 -10.54
C HIS A 173 6.68 -30.37 -10.61
N ASN A 174 6.11 -29.58 -11.53
CA ASN A 174 6.45 -28.16 -11.59
C ASN A 174 6.01 -27.43 -10.33
N GLU A 175 4.79 -27.69 -9.87
CA GLU A 175 4.33 -27.09 -8.62
C GLU A 175 5.14 -27.61 -7.43
N ALA A 176 5.45 -28.91 -7.42
CA ALA A 176 6.28 -29.43 -6.34
C ALA A 176 7.64 -28.75 -6.29
N LEU A 177 8.26 -28.55 -7.46
CA LEU A 177 9.56 -27.89 -7.53
C LEU A 177 9.46 -26.42 -7.15
N SER A 178 8.35 -25.76 -7.48
CA SER A 178 8.16 -24.38 -7.05
C SER A 178 8.12 -24.28 -5.52
N VAL A 179 7.37 -25.19 -4.88
CA VAL A 179 7.30 -25.19 -3.42
C VAL A 179 8.68 -25.47 -2.83
N ASP A 180 9.39 -26.45 -3.40
CA ASP A 180 10.71 -26.79 -2.90
C ASP A 180 11.68 -25.62 -3.06
N ALA A 181 11.61 -24.92 -4.19
CA ALA A 181 12.49 -23.78 -4.42
C ALA A 181 12.20 -22.66 -3.42
N ARG A 182 10.92 -22.40 -3.15
CA ARG A 182 10.60 -21.38 -2.15
C ARG A 182 11.16 -21.77 -0.79
N GLN A 183 10.97 -23.03 -0.39
CA GLN A 183 11.45 -23.47 0.91
C GLN A 183 12.97 -23.35 1.00
N GLU A 184 13.67 -23.78 -0.05
CA GLU A 184 15.13 -23.70 -0.04
C GLU A 184 15.60 -22.25 0.01
N LEU A 185 14.98 -21.37 -0.76
CA LEU A 185 15.39 -19.97 -0.77
C LEU A 185 15.23 -19.34 0.60
N ASP A 186 14.08 -19.54 1.24
CA ASP A 186 13.90 -19.00 2.58
C ASP A 186 14.90 -19.62 3.56
N LEU A 187 14.98 -20.94 3.61
CA LEU A 187 15.83 -21.63 4.56
C LEU A 187 17.30 -21.26 4.39
N ARG A 188 17.69 -20.81 3.21
CA ARG A 188 19.07 -20.39 3.01
C ARG A 188 19.27 -18.93 3.38
N ILE A 189 18.54 -18.03 2.72
CA ILE A 189 18.78 -16.59 2.90
C ILE A 189 18.48 -16.17 4.33
N GLY A 190 17.29 -16.51 4.83
CA GLY A 190 16.90 -16.05 6.15
C GLY A 190 17.79 -16.62 7.23
N CYS A 191 18.11 -17.91 7.15
CA CYS A 191 18.98 -18.52 8.15
C CYS A 191 20.39 -17.93 8.10
N ALA A 192 20.91 -17.66 6.90
CA ALA A 192 22.24 -17.06 6.81
C ALA A 192 22.27 -15.69 7.48
N PHE A 193 21.33 -14.81 7.11
CA PHE A 193 21.32 -13.48 7.70
C PHE A 193 21.07 -13.53 9.21
N THR A 194 20.12 -14.36 9.64
CA THR A 194 19.80 -14.45 11.06
C THR A 194 20.98 -14.99 11.86
N ARG A 195 21.66 -16.02 11.34
CA ARG A 195 22.82 -16.57 12.04
C ARG A 195 23.94 -15.54 12.14
N PHE A 196 24.19 -14.81 11.06
CA PHE A 196 25.25 -13.79 11.12
C PHE A 196 24.92 -12.71 12.13
N GLN A 197 23.68 -12.24 12.14
CA GLN A 197 23.30 -11.19 13.08
C GLN A 197 23.31 -11.70 14.52
N THR A 198 22.88 -12.94 14.73
CA THR A 198 22.90 -13.53 16.07
C THR A 198 24.33 -13.65 16.59
N LYS A 199 25.26 -14.09 15.73
CA LYS A 199 26.65 -14.17 16.14
C LYS A 199 27.23 -12.79 16.42
N TYR A 200 26.90 -11.81 15.58
CA TYR A 200 27.43 -10.46 15.77
C TYR A 200 26.93 -9.85 17.08
N PHE A 201 25.61 -9.66 17.19
CA PHE A 201 25.01 -9.09 18.39
C PHE A 201 24.73 -10.24 19.36
N GLN A 202 25.62 -10.42 20.34
CA GLN A 202 25.43 -11.46 21.35
C GLN A 202 26.18 -11.02 22.59
N GLY A 203 25.45 -10.52 23.59
CA GLY A 203 26.07 -9.95 24.76
C GLY A 203 26.73 -8.62 24.53
N LYS A 204 26.58 -8.04 23.34
CA LYS A 204 27.17 -6.75 23.05
C LYS A 204 26.43 -5.62 23.76
N TYR A 205 25.10 -5.70 23.78
CA TYR A 205 24.25 -4.67 24.37
C TYR A 205 23.35 -5.30 25.41
N GLY A 206 23.15 -4.58 26.52
CA GLY A 206 22.47 -5.17 27.66
C GLY A 206 21.00 -5.47 27.40
N ASP A 207 20.29 -4.54 26.77
CA ASP A 207 18.84 -4.67 26.59
C ASP A 207 18.45 -5.38 25.30
N LEU A 208 19.42 -5.86 24.52
CA LEU A 208 19.14 -6.52 23.25
C LEU A 208 19.39 -8.01 23.39
N ASP A 209 18.37 -8.81 23.10
CA ASP A 209 18.52 -10.26 23.09
C ASP A 209 19.00 -10.71 21.71
N SER A 210 19.99 -11.60 21.70
CA SER A 210 20.58 -12.04 20.44
C SER A 210 19.57 -12.78 19.58
N SER A 211 18.79 -13.67 20.19
CA SER A 211 17.90 -14.55 19.43
C SER A 211 16.70 -13.82 18.83
N LEU A 212 16.40 -12.61 19.27
CA LEU A 212 15.23 -11.90 18.77
C LEU A 212 15.44 -11.25 17.41
N ILE A 213 16.66 -11.25 16.89
CA ILE A 213 16.95 -10.66 15.58
C ILE A 213 16.83 -11.74 14.53
N SER A 214 16.03 -11.47 13.49
CA SER A 214 15.82 -12.43 12.42
C SER A 214 15.56 -11.67 11.12
N PHE A 215 15.87 -12.32 10.00
CA PHE A 215 15.64 -11.76 8.68
C PHE A 215 14.94 -12.79 7.81
N GLY A 216 14.10 -12.30 6.90
CA GLY A 216 13.39 -13.14 5.97
C GLY A 216 13.08 -12.43 4.68
N PRO A 217 13.05 -13.17 3.57
CA PRO A 217 12.71 -12.57 2.27
C PRO A 217 11.27 -12.04 2.22
N CYS A 218 10.42 -12.40 3.17
CA CYS A 218 9.05 -11.91 3.23
C CYS A 218 8.74 -11.17 4.52
N GLN A 219 9.28 -11.62 5.65
CA GLN A 219 9.01 -10.98 6.93
C GLN A 219 9.51 -9.54 6.94
N THR A 220 10.74 -9.32 6.46
CA THR A 220 11.27 -7.97 6.38
C THR A 220 10.48 -7.09 5.42
N PRO A 221 10.15 -7.53 4.19
CA PRO A 221 9.29 -6.68 3.35
C PRO A 221 7.93 -6.38 3.94
N THR A 222 7.29 -7.35 4.63
CA THR A 222 5.98 -7.08 5.19
C THR A 222 6.05 -6.24 6.47
N LEU A 223 7.19 -6.23 7.15
CA LEU A 223 7.42 -5.28 8.24
C LEU A 223 7.80 -3.90 7.73
N GLY A 224 8.32 -3.83 6.50
CA GLY A 224 8.66 -2.53 5.94
C GLY A 224 7.47 -1.62 5.79
N PHE A 225 6.31 -2.18 5.44
CA PHE A 225 5.10 -1.36 5.32
C PHE A 225 4.70 -0.78 6.67
N CYS A 226 4.75 -1.60 7.72
CA CYS A 226 4.41 -1.11 9.05
C CYS A 226 5.37 -0.03 9.52
N VAL A 227 6.67 -0.23 9.29
CA VAL A 227 7.62 0.78 9.73
C VAL A 227 7.52 2.04 8.88
N GLU A 228 7.14 1.90 7.59
CA GLU A 228 6.93 3.08 6.76
C GLU A 228 5.73 3.88 7.23
N ARG A 229 4.65 3.18 7.60
CA ARG A 229 3.50 3.87 8.19
C ARG A 229 3.88 4.56 9.49
N HIS A 230 4.70 3.89 10.31
CA HIS A 230 5.17 4.51 11.56
C HIS A 230 6.00 5.75 11.27
N ASP A 231 6.85 5.70 10.25
CA ASP A 231 7.67 6.85 9.87
C ASP A 231 6.80 8.01 9.40
N LYS A 232 5.76 7.72 8.61
CA LYS A 232 4.85 8.77 8.20
C LYS A 232 4.10 9.36 9.40
N ILE A 233 3.72 8.52 10.36
CA ILE A 233 3.05 9.02 11.56
C ILE A 233 3.98 9.95 12.34
N GLN A 234 5.22 9.53 12.53
CA GLN A 234 6.17 10.30 13.34
C GLN A 234 6.72 11.53 12.61
N SER A 235 6.64 11.56 11.29
CA SER A 235 7.12 12.69 10.50
C SER A 235 5.98 13.46 9.84
N PHE A 236 4.86 13.58 10.53
CA PHE A 236 3.71 14.32 10.04
C PHE A 236 3.82 15.78 10.44
N LYS A 237 3.40 16.68 9.55
CA LYS A 237 3.47 18.12 9.79
C LYS A 237 2.06 18.68 9.75
N PRO A 238 1.39 18.83 10.89
CA PRO A 238 0.00 19.31 10.87
C PRO A 238 -0.11 20.69 10.23
N GLU A 239 -1.17 20.88 9.45
CA GLU A 239 -1.43 22.12 8.74
C GLU A 239 -2.87 22.53 8.94
N THR A 240 -3.09 23.82 9.15
CA THR A 240 -4.42 24.34 9.44
C THR A 240 -5.15 24.71 8.14
N TYR A 241 -6.39 24.26 8.02
CA TYR A 241 -7.24 24.58 6.89
C TYR A 241 -8.61 25.00 7.38
N TRP A 242 -9.28 25.84 6.59
CA TRP A 242 -10.55 26.43 6.98
C TRP A 242 -11.67 25.95 6.05
N VAL A 243 -12.82 25.65 6.64
CA VAL A 243 -13.99 25.18 5.90
C VAL A 243 -15.17 26.08 6.25
N LEU A 244 -15.82 26.61 5.23
CA LEU A 244 -17.02 27.41 5.44
C LEU A 244 -18.24 26.51 5.54
N GLN A 245 -19.11 26.80 6.51
CA GLN A 245 -20.31 26.01 6.75
C GLN A 245 -21.52 26.94 6.70
N ALA A 246 -22.55 26.52 5.97
CA ALA A 246 -23.77 27.31 5.80
C ALA A 246 -24.95 26.51 6.30
N LYS A 247 -25.76 27.12 7.17
CA LYS A 247 -26.99 26.53 7.68
C LYS A 247 -28.17 27.34 7.15
N VAL A 248 -29.14 26.66 6.54
CA VAL A 248 -30.31 27.32 6.00
C VAL A 248 -31.56 26.70 6.61
N ASN A 249 -32.63 27.50 6.67
CA ASN A 249 -33.90 27.07 7.23
C ASN A 249 -34.87 26.79 6.10
N THR A 250 -35.47 25.60 6.10
CA THR A 250 -36.31 25.19 4.96
C THR A 250 -37.71 25.78 5.05
N ASP A 251 -38.49 25.35 6.04
CA ASP A 251 -39.84 25.89 6.24
C ASP A 251 -39.99 26.56 7.59
N LYS A 252 -39.88 25.82 8.69
CA LYS A 252 -39.95 26.45 10.01
C LYS A 252 -38.93 25.91 11.02
N ASP A 253 -38.54 24.65 10.95
CA ASP A 253 -37.69 24.06 11.99
C ASP A 253 -36.50 23.32 11.39
N ARG A 254 -36.68 22.74 10.21
CA ARG A 254 -35.62 21.96 9.59
C ARG A 254 -34.47 22.88 9.19
N SER A 255 -33.25 22.45 9.51
CA SER A 255 -32.04 23.21 9.22
C SER A 255 -31.13 22.36 8.35
N LEU A 256 -31.01 22.72 7.08
CA LEU A 256 -30.08 22.06 6.18
C LEU A 256 -28.67 22.58 6.44
N LEU A 257 -27.73 21.66 6.59
CA LEU A 257 -26.32 21.99 6.79
C LEU A 257 -25.62 21.81 5.44
N LEU A 258 -25.42 22.91 4.73
CA LEU A 258 -24.78 22.87 3.42
C LEU A 258 -23.28 22.76 3.57
N ASP A 259 -22.64 22.13 2.58
CA ASP A 259 -21.19 22.02 2.56
C ASP A 259 -20.63 22.70 1.32
N TRP A 260 -19.43 23.23 1.47
CA TRP A 260 -18.80 24.07 0.45
C TRP A 260 -18.27 23.25 -0.71
N ASP A 261 -18.36 23.80 -1.91
CA ASP A 261 -17.77 23.14 -3.07
C ASP A 261 -16.25 23.11 -2.96
N ARG A 262 -15.64 24.21 -2.54
CA ARG A 262 -14.19 24.28 -2.44
C ARG A 262 -13.64 23.45 -1.28
N VAL A 263 -14.52 22.89 -0.45
CA VAL A 263 -14.17 21.95 0.61
C VAL A 263 -13.31 22.65 1.66
N ARG A 264 -12.07 22.99 1.30
CA ARG A 264 -11.14 23.53 2.27
C ARG A 264 -10.28 24.61 1.62
N VAL A 265 -9.80 25.52 2.46
CA VAL A 265 -8.88 26.58 2.07
C VAL A 265 -7.76 26.63 3.11
N PHE A 266 -6.52 26.66 2.64
CA PHE A 266 -5.35 26.61 3.53
C PHE A 266 -4.75 27.98 3.80
N ASP A 267 -5.48 29.05 3.46
CA ASP A 267 -5.02 30.42 3.71
C ASP A 267 -6.04 31.14 4.57
N ARG A 268 -5.59 31.67 5.71
CA ARG A 268 -6.50 32.34 6.63
C ARG A 268 -7.11 33.58 5.99
N GLU A 269 -6.32 34.34 5.24
CA GLU A 269 -6.84 35.56 4.61
C GLU A 269 -7.84 35.22 3.52
N ILE A 270 -7.59 34.16 2.75
CA ILE A 270 -8.56 33.73 1.75
C ILE A 270 -9.86 33.29 2.41
N ALA A 271 -9.76 32.54 3.50
CA ALA A 271 -10.97 32.14 4.23
C ALA A 271 -11.70 33.37 4.76
N GLN A 272 -10.96 34.36 5.26
CA GLN A 272 -11.58 35.57 5.79
C GLN A 272 -12.31 36.34 4.70
N MET A 273 -11.71 36.47 3.51
CA MET A 273 -12.40 37.19 2.45
C MET A 273 -13.60 36.41 1.94
N PHE A 274 -13.52 35.07 1.91
CA PHE A 274 -14.68 34.29 1.50
C PHE A 274 -15.81 34.39 2.53
N LEU A 275 -15.48 34.53 3.81
CA LEU A 275 -16.52 34.75 4.81
C LEU A 275 -17.10 36.15 4.68
N ASN A 276 -16.25 37.14 4.39
CA ASN A 276 -16.75 38.50 4.17
C ASN A 276 -17.66 38.56 2.96
N MET A 277 -17.43 37.69 1.97
CA MET A 277 -18.33 37.57 0.84
C MET A 277 -19.71 37.05 1.24
N THR A 278 -19.82 36.42 2.41
CA THR A 278 -20.97 35.58 2.73
C THR A 278 -21.73 36.01 3.98
N LYS A 279 -21.03 36.42 5.04
CA LYS A 279 -21.69 36.60 6.33
C LYS A 279 -22.73 37.71 6.32
N LEU A 280 -22.56 38.72 5.46
CA LEU A 280 -23.55 39.79 5.39
C LEU A 280 -24.83 39.33 4.71
N GLU A 281 -24.74 38.42 3.76
CA GLU A 281 -25.91 37.99 3.01
C GLU A 281 -26.91 37.26 3.90
N LYS A 282 -28.20 37.47 3.64
CA LYS A 282 -29.26 36.88 4.44
C LYS A 282 -30.23 36.06 3.60
N GLU A 283 -29.81 35.62 2.40
CA GLU A 283 -30.64 34.81 1.54
C GLU A 283 -29.79 33.80 0.80
N ALA A 284 -30.40 32.68 0.42
CA ALA A 284 -29.76 31.66 -0.40
C ALA A 284 -30.68 31.33 -1.58
N GLN A 285 -30.13 31.35 -2.79
CA GLN A 285 -30.91 31.11 -4.00
C GLN A 285 -30.55 29.75 -4.57
N VAL A 286 -31.54 28.86 -4.66
CA VAL A 286 -31.28 27.53 -5.21
C VAL A 286 -31.04 27.65 -6.71
N GLU A 287 -30.09 26.87 -7.22
CA GLU A 287 -29.70 26.93 -8.63
C GLU A 287 -30.03 25.64 -9.36
N ALA A 288 -29.55 24.50 -8.88
CA ALA A 288 -29.73 23.22 -9.56
C ALA A 288 -30.22 22.16 -8.59
N THR A 289 -31.22 21.40 -9.00
CA THR A 289 -31.72 20.26 -8.23
C THR A 289 -31.70 19.03 -9.12
N SER A 290 -31.16 17.93 -8.61
CA SER A 290 -31.01 16.71 -9.39
C SER A 290 -31.40 15.52 -8.54
N ARG A 291 -32.37 14.73 -9.03
CA ARG A 291 -32.79 13.48 -8.39
C ARG A 291 -32.53 12.36 -9.38
N LYS A 292 -31.32 11.82 -9.36
CA LYS A 292 -30.90 10.78 -10.30
C LYS A 292 -30.81 9.43 -9.60
N GLU A 293 -31.23 8.39 -10.32
CA GLU A 293 -31.21 7.04 -9.79
C GLU A 293 -29.82 6.45 -9.94
N LYS A 294 -29.35 5.80 -8.87
CA LYS A 294 -28.03 5.17 -8.85
C LYS A 294 -28.15 3.77 -8.27
N ALA A 295 -27.18 2.94 -8.60
CA ALA A 295 -27.17 1.55 -8.17
C ALA A 295 -25.85 1.24 -7.46
N LYS A 296 -25.92 0.62 -6.29
CA LYS A 296 -24.76 0.14 -5.58
C LYS A 296 -24.51 -1.30 -5.98
N GLN A 297 -23.33 -1.58 -6.53
CA GLN A 297 -23.05 -2.88 -7.13
C GLN A 297 -22.91 -3.97 -6.06
N ARG A 298 -23.25 -5.19 -6.46
CA ARG A 298 -23.08 -6.33 -5.58
C ARG A 298 -21.59 -6.62 -5.37
N PRO A 299 -21.22 -7.21 -4.23
CA PRO A 299 -19.84 -7.66 -4.08
C PRO A 299 -19.54 -8.83 -4.99
N LEU A 300 -18.28 -8.93 -5.41
CA LEU A 300 -17.85 -10.05 -6.23
C LEU A 300 -17.78 -11.32 -5.38
N ALA A 301 -17.41 -12.42 -6.03
CA ALA A 301 -17.25 -13.68 -5.31
C ALA A 301 -16.12 -13.58 -4.29
N LEU A 302 -16.27 -14.31 -3.19
CA LEU A 302 -15.34 -14.20 -2.08
C LEU A 302 -14.08 -15.01 -2.36
N ASN A 303 -12.94 -14.36 -2.31
CA ASN A 303 -11.64 -15.01 -2.37
C ASN A 303 -10.97 -14.94 -1.00
N THR A 304 -9.79 -15.56 -0.89
CA THR A 304 -9.12 -15.62 0.40
C THR A 304 -8.69 -14.23 0.87
N VAL A 305 -8.27 -13.37 -0.05
CA VAL A 305 -7.83 -12.03 0.33
C VAL A 305 -8.98 -11.25 0.97
N GLU A 306 -10.14 -11.24 0.30
CA GLU A 306 -11.29 -10.51 0.84
C GLU A 306 -11.79 -11.17 2.12
N MET A 307 -11.75 -12.50 2.19
CA MET A 307 -12.18 -13.19 3.40
C MET A 307 -11.33 -12.79 4.60
N LEU A 308 -10.01 -12.77 4.43
CA LEU A 308 -9.12 -12.35 5.51
C LEU A 308 -9.34 -10.89 5.86
N ARG A 309 -9.49 -10.03 4.85
CA ARG A 309 -9.70 -8.61 5.10
C ARG A 309 -10.96 -8.37 5.93
N VAL A 310 -12.05 -9.04 5.57
CA VAL A 310 -13.30 -8.84 6.30
C VAL A 310 -13.22 -9.48 7.69
N ALA A 311 -12.62 -10.67 7.80
CA ALA A 311 -12.47 -11.31 9.09
C ALA A 311 -11.64 -10.45 10.05
N SER A 312 -10.71 -9.66 9.50
CA SER A 312 -9.94 -8.76 10.35
C SER A 312 -10.73 -7.49 10.69
N SER A 313 -11.32 -6.85 9.68
CA SER A 313 -11.93 -5.53 9.90
C SER A 313 -13.22 -5.64 10.70
N SER A 314 -14.08 -6.59 10.36
CA SER A 314 -15.42 -6.69 10.96
C SER A 314 -15.47 -7.74 12.07
N LEU A 315 -15.08 -8.98 11.77
CA LEU A 315 -15.22 -10.07 12.73
C LEU A 315 -14.16 -10.06 13.82
N GLY A 316 -13.13 -9.22 13.69
CA GLY A 316 -12.10 -9.13 14.70
C GLY A 316 -11.30 -10.40 14.88
N MET A 317 -10.91 -11.01 13.77
CA MET A 317 -10.12 -12.24 13.77
C MET A 317 -8.86 -12.03 12.96
N GLY A 318 -7.73 -12.56 13.45
CA GLY A 318 -6.47 -12.41 12.79
C GLY A 318 -6.40 -13.22 11.51
N PRO A 319 -5.42 -12.92 10.65
CA PRO A 319 -5.31 -13.68 9.39
C PRO A 319 -5.09 -15.17 9.60
N GLN A 320 -4.15 -15.55 10.46
CA GLN A 320 -3.87 -16.96 10.68
C GLN A 320 -5.07 -17.66 11.34
N HIS A 321 -5.70 -17.00 12.31
CA HIS A 321 -6.87 -17.59 12.96
C HIS A 321 -8.01 -17.79 11.97
N ALA A 322 -8.25 -16.79 11.12
CA ALA A 322 -9.29 -16.90 10.10
C ALA A 322 -8.96 -18.02 9.11
N MET A 323 -7.69 -18.13 8.71
CA MET A 323 -7.29 -19.20 7.81
C MET A 323 -7.50 -20.57 8.44
N GLN A 324 -7.15 -20.72 9.71
CA GLN A 324 -7.34 -22.00 10.38
C GLN A 324 -8.82 -22.34 10.52
N THR A 325 -9.65 -21.36 10.88
CA THR A 325 -11.08 -21.62 11.01
C THR A 325 -11.70 -21.98 9.66
N ALA A 326 -11.29 -21.28 8.60
CA ALA A 326 -11.80 -21.59 7.27
C ALA A 326 -11.36 -22.98 6.82
N GLU A 327 -10.11 -23.34 7.11
CA GLU A 327 -9.63 -24.68 6.77
C GLU A 327 -10.41 -25.75 7.53
N ARG A 328 -10.71 -25.50 8.81
CA ARG A 328 -11.51 -26.45 9.56
C ARG A 328 -12.92 -26.57 8.99
N LEU A 329 -13.54 -25.45 8.62
CA LEU A 329 -14.87 -25.47 8.04
C LEU A 329 -14.87 -26.23 6.71
N TYR A 330 -13.83 -26.04 5.90
CA TYR A 330 -13.67 -26.84 4.69
C TYR A 330 -13.52 -28.31 5.02
N THR A 331 -12.78 -28.61 6.09
CA THR A 331 -12.52 -29.99 6.47
C THR A 331 -13.82 -30.71 6.83
N GLN A 332 -14.67 -30.08 7.63
CA GLN A 332 -15.96 -30.70 7.94
C GLN A 332 -16.87 -30.78 6.72
N GLY A 333 -16.66 -29.92 5.73
CA GLY A 333 -17.45 -29.94 4.52
C GLY A 333 -18.50 -28.86 4.42
N TYR A 334 -18.30 -27.72 5.07
CA TYR A 334 -19.27 -26.63 5.05
C TYR A 334 -18.99 -25.60 3.97
N ILE A 335 -17.72 -25.36 3.64
CA ILE A 335 -17.33 -24.39 2.62
C ILE A 335 -16.32 -25.05 1.70
N SER A 336 -16.07 -24.39 0.57
CA SER A 336 -15.10 -24.87 -0.40
C SER A 336 -13.69 -24.58 0.12
N TYR A 337 -12.68 -24.83 -0.71
CA TYR A 337 -11.30 -24.62 -0.30
C TYR A 337 -11.02 -23.13 -0.17
N PRO A 338 -10.64 -22.63 1.02
CA PRO A 338 -10.42 -21.20 1.23
C PRO A 338 -9.00 -20.74 0.91
N ARG A 339 -8.47 -21.18 -0.23
CA ARG A 339 -7.17 -20.76 -0.74
C ARG A 339 -7.30 -20.37 -2.21
N THR A 340 -8.33 -19.59 -2.50
CA THR A 340 -8.75 -19.28 -3.86
C THR A 340 -8.49 -17.81 -4.17
N GLU A 341 -7.93 -17.55 -5.36
CA GLU A 341 -7.73 -16.20 -5.85
C GLU A 341 -8.65 -15.88 -7.02
N THR A 342 -9.70 -16.66 -7.22
CA THR A 342 -10.65 -16.45 -8.30
C THR A 342 -11.94 -15.86 -7.77
N THR A 343 -12.45 -14.84 -8.45
CA THR A 343 -13.66 -14.15 -8.06
C THR A 343 -14.75 -14.26 -9.13
N HIS A 344 -14.77 -15.36 -9.86
CA HIS A 344 -15.75 -15.58 -10.92
C HIS A 344 -16.24 -17.02 -10.85
N TYR A 345 -17.55 -17.19 -10.73
CA TYR A 345 -18.12 -18.52 -10.64
C TYR A 345 -18.02 -19.23 -11.99
N PRO A 346 -17.62 -20.50 -12.00
CA PRO A 346 -17.64 -21.27 -13.24
C PRO A 346 -19.06 -21.49 -13.72
N GLU A 347 -19.19 -21.70 -15.04
CA GLU A 347 -20.51 -21.89 -15.64
C GLU A 347 -21.20 -23.14 -15.09
N ASN A 348 -20.44 -24.23 -14.93
CA ASN A 348 -20.99 -25.50 -14.45
C ASN A 348 -20.94 -25.56 -12.92
N PHE A 349 -21.62 -24.61 -12.29
CA PHE A 349 -21.71 -24.53 -10.83
C PHE A 349 -23.16 -24.57 -10.41
N ASP A 350 -23.43 -25.20 -9.27
CA ASP A 350 -24.80 -25.39 -8.78
C ASP A 350 -25.16 -24.28 -7.79
N LEU A 351 -25.29 -23.07 -8.33
CA LEU A 351 -25.71 -21.94 -7.52
C LEU A 351 -27.10 -22.14 -6.96
N LYS A 352 -28.03 -22.66 -7.78
CA LYS A 352 -29.38 -22.89 -7.32
C LYS A 352 -29.42 -23.96 -6.23
N GLY A 353 -28.62 -25.01 -6.38
CA GLY A 353 -28.55 -26.01 -5.32
C GLY A 353 -27.97 -25.47 -4.04
N SER A 354 -26.92 -24.65 -4.15
CA SER A 354 -26.33 -24.04 -2.95
C SER A 354 -27.33 -23.15 -2.24
N LEU A 355 -28.13 -22.38 -3.02
CA LEU A 355 -29.20 -21.60 -2.41
C LEU A 355 -30.24 -22.50 -1.75
N ARG A 356 -30.60 -23.61 -2.41
CA ARG A 356 -31.62 -24.49 -1.88
C ARG A 356 -31.18 -25.15 -0.58
N GLN A 357 -29.86 -25.33 -0.40
CA GLN A 357 -29.36 -25.90 0.86
C GLN A 357 -29.73 -25.02 2.04
N GLN A 358 -29.56 -23.71 1.90
CA GLN A 358 -29.87 -22.77 2.98
C GLN A 358 -31.24 -22.13 2.78
N ALA A 359 -32.28 -22.96 2.87
CA ALA A 359 -33.65 -22.49 2.78
C ALA A 359 -34.42 -22.68 4.09
N ASN A 360 -33.73 -23.10 5.16
CA ASN A 360 -34.38 -23.34 6.44
C ASN A 360 -33.79 -22.52 7.59
N HIS A 361 -32.70 -21.80 7.37
CA HIS A 361 -32.12 -21.00 8.44
C HIS A 361 -33.00 -19.78 8.71
N PRO A 362 -33.36 -19.52 9.97
CA PRO A 362 -34.27 -18.40 10.25
C PRO A 362 -33.73 -17.05 9.84
N TYR A 363 -32.42 -16.83 9.92
CA TYR A 363 -31.85 -15.52 9.61
C TYR A 363 -32.09 -15.12 8.16
N TRP A 364 -31.50 -15.86 7.21
CA TRP A 364 -31.72 -15.62 5.79
C TRP A 364 -32.66 -16.71 5.26
N ALA A 365 -33.95 -16.48 5.46
CA ALA A 365 -34.98 -17.39 4.99
C ALA A 365 -35.87 -16.77 3.92
N ASP A 366 -36.46 -15.61 4.21
CA ASP A 366 -37.33 -14.96 3.24
C ASP A 366 -36.56 -14.54 2.00
N THR A 367 -35.34 -14.02 2.17
CA THR A 367 -34.54 -13.60 1.03
C THR A 367 -34.24 -14.78 0.11
N VAL A 368 -33.82 -15.91 0.68
CA VAL A 368 -33.49 -17.08 -0.13
C VAL A 368 -34.75 -17.64 -0.78
N LYS A 369 -35.87 -17.66 -0.05
CA LYS A 369 -37.11 -18.16 -0.63
C LYS A 369 -37.55 -17.30 -1.81
N ARG A 370 -37.45 -15.97 -1.68
CA ARG A 370 -37.84 -15.10 -2.78
C ARG A 370 -36.86 -15.20 -3.95
N LEU A 371 -35.58 -15.40 -3.67
CA LEU A 371 -34.61 -15.59 -4.74
C LEU A 371 -34.90 -16.87 -5.52
N LEU A 372 -35.27 -17.95 -4.81
CA LEU A 372 -35.61 -19.19 -5.49
C LEU A 372 -36.93 -19.06 -6.24
N ALA A 373 -37.90 -18.32 -5.69
CA ALA A 373 -39.17 -18.15 -6.36
C ALA A 373 -39.01 -17.35 -7.65
N GLU A 374 -38.35 -16.20 -7.58
CA GLU A 374 -38.05 -15.42 -8.77
C GLU A 374 -36.81 -16.00 -9.45
N GLY A 375 -36.28 -15.28 -10.44
CA GLY A 375 -35.08 -15.74 -11.11
C GLY A 375 -33.82 -15.44 -10.32
N ILE A 376 -32.85 -16.32 -10.43
CA ILE A 376 -31.55 -16.12 -9.80
C ILE A 376 -30.71 -15.19 -10.68
N ASN A 377 -30.20 -14.11 -10.09
CA ASN A 377 -29.40 -13.16 -10.83
C ASN A 377 -27.98 -13.67 -10.97
N ARG A 378 -27.41 -13.49 -12.17
CA ARG A 378 -26.07 -13.98 -12.43
C ARG A 378 -25.05 -13.19 -11.61
N PRO A 379 -24.04 -13.86 -11.05
CA PRO A 379 -23.00 -13.14 -10.31
C PRO A 379 -22.15 -12.29 -11.25
N ARG A 380 -21.54 -11.25 -10.67
CA ARG A 380 -20.69 -10.37 -11.45
C ARG A 380 -19.48 -11.11 -11.98
N LYS A 381 -19.06 -10.74 -13.19
CA LYS A 381 -17.88 -11.34 -13.80
C LYS A 381 -16.62 -10.96 -13.02
N GLY A 382 -15.71 -11.91 -12.86
CA GLY A 382 -14.50 -11.67 -12.11
C GLY A 382 -13.29 -12.40 -12.65
N HIS A 383 -12.26 -12.55 -11.83
CA HIS A 383 -11.01 -13.16 -12.27
C HIS A 383 -11.13 -14.69 -12.18
N ASP A 384 -10.54 -15.38 -13.14
CA ASP A 384 -10.72 -16.81 -13.35
C ASP A 384 -9.38 -17.53 -13.40
N ALA A 385 -8.57 -17.35 -12.35
CA ALA A 385 -7.19 -17.87 -12.31
C ALA A 385 -7.08 -19.37 -12.56
N GLY A 386 -8.20 -20.08 -12.56
CA GLY A 386 -8.20 -21.51 -12.79
C GLY A 386 -8.06 -22.35 -11.55
N ASP A 387 -7.99 -21.72 -10.37
CA ASP A 387 -7.94 -22.44 -9.10
C ASP A 387 -9.33 -22.92 -8.71
N HIS A 388 -9.49 -23.33 -7.44
CA HIS A 388 -10.78 -23.78 -6.95
C HIS A 388 -11.86 -22.72 -7.17
N PRO A 389 -13.13 -23.12 -7.13
CA PRO A 389 -14.21 -22.14 -7.11
C PRO A 389 -14.10 -21.25 -5.89
N PRO A 390 -14.76 -20.09 -5.90
CA PRO A 390 -14.66 -19.18 -4.76
C PRO A 390 -15.21 -19.80 -3.49
N ILE A 391 -14.86 -19.19 -2.36
CA ILE A 391 -15.25 -19.71 -1.05
C ILE A 391 -16.76 -19.57 -0.91
N THR A 392 -17.47 -20.69 -1.02
CA THR A 392 -18.92 -20.71 -1.03
C THR A 392 -19.45 -21.79 -0.10
N PRO A 393 -20.65 -21.60 0.45
CA PRO A 393 -21.25 -22.62 1.30
C PRO A 393 -21.54 -23.89 0.52
N MET A 394 -21.47 -25.02 1.21
CA MET A 394 -21.79 -26.31 0.61
C MET A 394 -22.68 -27.17 1.49
N LYS A 395 -22.99 -26.73 2.71
CA LYS A 395 -23.85 -27.51 3.60
C LYS A 395 -24.47 -26.55 4.61
N SER A 396 -25.70 -26.86 5.00
CA SER A 396 -26.39 -26.03 5.98
C SER A 396 -25.75 -26.17 7.35
N ALA A 397 -25.63 -25.05 8.06
CA ALA A 397 -25.02 -25.03 9.38
C ALA A 397 -25.79 -24.09 10.30
N THR A 398 -25.80 -24.43 11.58
CA THR A 398 -26.46 -23.65 12.61
C THR A 398 -25.46 -23.37 13.71
N GLU A 399 -25.69 -22.29 14.46
CA GLU A 399 -24.80 -21.92 15.55
C GLU A 399 -24.65 -23.05 16.57
N ALA A 400 -25.67 -23.89 16.71
CA ALA A 400 -25.60 -25.01 17.65
C ALA A 400 -24.57 -26.04 17.20
N GLU A 401 -24.62 -26.45 15.93
CA GLU A 401 -23.69 -27.46 15.45
C GLU A 401 -22.30 -26.90 15.22
N LEU A 402 -22.19 -25.62 14.88
CA LEU A 402 -20.90 -24.96 14.78
C LEU A 402 -20.55 -24.35 16.13
N GLY A 403 -19.52 -23.51 16.18
CA GLY A 403 -19.10 -22.91 17.42
C GLY A 403 -19.18 -21.39 17.47
N GLY A 404 -18.02 -20.76 17.60
CA GLY A 404 -17.92 -19.33 17.75
C GLY A 404 -17.44 -18.63 16.50
N ASP A 405 -16.12 -18.36 16.45
CA ASP A 405 -15.52 -17.73 15.27
C ASP A 405 -15.79 -18.54 14.00
N ALA A 406 -15.85 -19.86 14.11
CA ALA A 406 -16.17 -20.68 12.94
C ALA A 406 -17.58 -20.38 12.44
N TRP A 407 -18.55 -20.29 13.34
CA TRP A 407 -19.91 -19.93 12.94
C TRP A 407 -19.97 -18.52 12.37
N ARG A 408 -19.22 -17.59 12.95
CA ARG A 408 -19.20 -16.23 12.43
C ARG A 408 -18.65 -16.18 11.01
N LEU A 409 -17.55 -16.90 10.76
CA LEU A 409 -16.98 -16.95 9.42
C LEU A 409 -17.93 -17.61 8.43
N TYR A 410 -18.59 -18.69 8.86
CA TYR A 410 -19.58 -19.33 8.00
C TYR A 410 -20.73 -18.38 7.68
N GLU A 411 -21.19 -17.63 8.68
CA GLU A 411 -22.26 -16.67 8.46
C GLU A 411 -21.85 -15.61 7.45
N TYR A 412 -20.63 -15.10 7.57
CA TYR A 412 -20.16 -14.11 6.59
C TYR A 412 -20.08 -14.72 5.20
N ILE A 413 -19.59 -15.96 5.09
CA ILE A 413 -19.44 -16.58 3.77
C ILE A 413 -20.81 -16.77 3.12
N THR A 414 -21.77 -17.28 3.88
CA THR A 414 -23.12 -17.46 3.35
C THR A 414 -23.76 -16.12 2.97
N ARG A 415 -23.59 -15.10 3.81
CA ARG A 415 -24.15 -13.79 3.49
C ARG A 415 -23.52 -13.22 2.22
N HIS A 416 -22.22 -13.41 2.05
CA HIS A 416 -21.57 -12.97 0.82
C HIS A 416 -22.10 -13.71 -0.39
N PHE A 417 -22.32 -15.02 -0.26
CA PHE A 417 -22.87 -15.79 -1.38
C PHE A 417 -24.25 -15.28 -1.76
N ILE A 418 -25.12 -15.09 -0.75
CA ILE A 418 -26.48 -14.61 -1.02
C ILE A 418 -26.43 -13.22 -1.66
N ALA A 419 -25.52 -12.37 -1.19
CA ALA A 419 -25.39 -11.04 -1.78
C ALA A 419 -24.92 -11.11 -3.22
N THR A 420 -24.00 -12.03 -3.52
CA THR A 420 -23.52 -12.19 -4.89
C THR A 420 -24.66 -12.60 -5.82
N VAL A 421 -25.45 -13.59 -5.40
CA VAL A 421 -26.64 -13.99 -6.17
C VAL A 421 -27.82 -13.19 -5.60
N SER A 422 -27.93 -11.94 -6.05
CA SER A 422 -28.95 -11.03 -5.58
C SER A 422 -29.08 -9.88 -6.57
N HIS A 423 -29.76 -8.82 -6.16
CA HIS A 423 -29.98 -7.64 -6.98
C HIS A 423 -29.21 -6.46 -6.40
N ASP A 424 -28.84 -5.53 -7.29
CA ASP A 424 -28.13 -4.33 -6.87
C ASP A 424 -29.04 -3.45 -6.00
N CYS A 425 -28.44 -2.77 -5.03
CA CYS A 425 -29.16 -1.81 -4.22
C CYS A 425 -29.39 -0.54 -5.01
N LYS A 426 -30.64 -0.07 -5.05
CA LYS A 426 -31.01 1.09 -5.83
C LYS A 426 -31.41 2.23 -4.90
N TYR A 427 -30.78 3.40 -5.10
CA TYR A 427 -31.09 4.58 -4.32
C TYR A 427 -31.06 5.80 -5.22
N LEU A 428 -31.86 6.79 -4.86
CA LEU A 428 -31.86 8.09 -5.54
C LEU A 428 -31.00 9.05 -4.74
N GLN A 429 -30.13 9.77 -5.44
CA GLN A 429 -29.23 10.75 -4.83
C GLN A 429 -29.75 12.14 -5.18
N SER A 430 -30.29 12.83 -4.18
CA SER A 430 -30.83 14.16 -4.36
C SER A 430 -29.77 15.18 -3.96
N THR A 431 -29.41 16.06 -4.90
CA THR A 431 -28.43 17.10 -4.67
C THR A 431 -29.06 18.45 -4.95
N ILE A 432 -28.96 19.35 -3.97
CA ILE A 432 -29.49 20.71 -4.09
C ILE A 432 -28.32 21.67 -3.95
N SER A 433 -28.17 22.56 -4.92
CA SER A 433 -27.09 23.54 -4.94
C SER A 433 -27.66 24.92 -4.62
N PHE A 434 -27.01 25.63 -3.72
CA PHE A 434 -27.44 26.95 -3.28
C PHE A 434 -26.36 27.97 -3.60
N ARG A 435 -26.79 29.20 -3.85
CA ARG A 435 -25.90 30.33 -4.03
C ARG A 435 -26.11 31.30 -2.88
N ILE A 436 -25.04 31.57 -2.15
CA ILE A 436 -25.01 32.60 -1.11
C ILE A 436 -23.93 33.58 -1.50
N GLY A 437 -24.32 34.82 -1.79
CA GLY A 437 -23.40 35.80 -2.29
C GLY A 437 -22.75 35.33 -3.57
N PRO A 438 -21.43 35.47 -3.69
CA PRO A 438 -20.72 34.91 -4.84
C PRO A 438 -20.38 33.43 -4.70
N GLU A 439 -20.61 32.84 -3.54
CA GLU A 439 -20.24 31.44 -3.32
C GLU A 439 -21.43 30.52 -3.56
N LEU A 440 -21.12 29.24 -3.81
CA LEU A 440 -22.15 28.24 -4.07
C LEU A 440 -21.86 27.02 -3.21
N PHE A 441 -22.81 26.69 -2.35
CA PHE A 441 -22.75 25.51 -1.50
C PHE A 441 -23.65 24.41 -2.08
N THR A 442 -23.56 23.21 -1.49
CA THR A 442 -24.38 22.09 -1.93
C THR A 442 -24.88 21.31 -0.73
N CYS A 443 -25.82 20.40 -1.00
CA CYS A 443 -26.28 19.45 0.01
C CYS A 443 -26.79 18.21 -0.70
N SER A 444 -26.44 17.04 -0.16
CA SER A 444 -26.73 15.77 -0.82
C SER A 444 -27.39 14.81 0.16
N GLY A 445 -28.25 13.96 -0.39
CA GLY A 445 -28.91 12.94 0.40
C GLY A 445 -29.22 11.73 -0.45
N LYS A 446 -29.41 10.60 0.23
CA LYS A 446 -29.66 9.32 -0.43
C LYS A 446 -30.92 8.70 0.11
N THR A 447 -31.81 8.26 -0.78
CA THR A 447 -33.05 7.59 -0.40
C THR A 447 -33.11 6.23 -1.09
N VAL A 448 -33.26 5.17 -0.30
CA VAL A 448 -33.27 3.82 -0.83
C VAL A 448 -34.63 3.52 -1.44
N LEU A 449 -34.64 3.09 -2.70
CA LEU A 449 -35.89 2.73 -3.37
C LEU A 449 -36.19 1.25 -3.26
N SER A 450 -35.17 0.40 -3.37
CA SER A 450 -35.34 -1.04 -3.27
C SER A 450 -34.08 -1.68 -2.73
N PRO A 451 -34.06 -2.14 -1.48
CA PRO A 451 -32.87 -2.80 -0.94
C PRO A 451 -32.66 -4.15 -1.60
N GLY A 452 -31.48 -4.34 -2.20
CA GLY A 452 -31.17 -5.59 -2.86
C GLY A 452 -30.34 -6.49 -1.96
N PHE A 453 -29.04 -6.58 -2.24
CA PHE A 453 -28.15 -7.32 -1.35
C PHE A 453 -28.05 -6.66 0.03
N THR A 454 -28.37 -5.37 0.13
CA THR A 454 -28.27 -4.68 1.42
C THR A 454 -29.48 -5.04 2.27
N GLU A 455 -29.75 -6.34 2.33
CA GLU A 455 -30.63 -6.96 3.31
C GLU A 455 -29.99 -8.20 3.91
N VAL A 456 -29.03 -8.81 3.22
CA VAL A 456 -28.27 -9.94 3.75
C VAL A 456 -26.97 -9.40 4.30
N MET A 457 -26.53 -8.24 3.78
CA MET A 457 -25.43 -7.48 4.37
C MET A 457 -25.94 -6.15 4.91
N PRO A 458 -26.58 -6.15 6.07
CA PRO A 458 -27.09 -4.87 6.62
C PRO A 458 -25.99 -3.85 6.84
N TRP A 459 -24.77 -4.29 7.15
CA TRP A 459 -23.68 -3.35 7.36
C TRP A 459 -23.28 -2.60 6.09
N GLN A 460 -23.74 -3.05 4.92
CA GLN A 460 -23.53 -2.32 3.68
C GLN A 460 -24.76 -1.56 3.24
N SER A 461 -25.76 -1.45 4.10
CA SER A 461 -26.96 -0.70 3.75
C SER A 461 -26.66 0.79 3.63
N VAL A 462 -27.39 1.45 2.74
CA VAL A 462 -27.25 2.89 2.55
C VAL A 462 -27.82 3.59 3.79
N PRO A 463 -27.05 4.46 4.44
CA PRO A 463 -27.54 5.11 5.66
C PRO A 463 -28.81 5.90 5.40
N LEU A 464 -29.73 5.85 6.35
CA LEU A 464 -31.00 6.55 6.22
C LEU A 464 -30.83 8.01 6.58
N GLU A 465 -31.36 8.90 5.73
CA GLU A 465 -31.33 10.33 5.96
C GLU A 465 -32.70 10.90 5.62
N GLU A 466 -33.07 11.98 6.31
CA GLU A 466 -34.32 12.65 6.01
C GLU A 466 -34.27 13.26 4.62
N SER A 467 -35.38 13.15 3.89
CA SER A 467 -35.41 13.60 2.50
C SER A 467 -35.22 15.11 2.42
N LEU A 468 -34.46 15.53 1.41
CA LEU A 468 -34.23 16.95 1.20
C LEU A 468 -35.52 17.63 0.75
N PRO A 469 -35.75 18.88 1.15
CA PRO A 469 -36.99 19.57 0.77
C PRO A 469 -37.11 19.71 -0.74
N THR A 470 -38.34 19.60 -1.23
CA THR A 470 -38.63 19.72 -2.66
C THR A 470 -38.71 21.20 -3.02
N CYS A 471 -37.58 21.75 -3.46
CA CYS A 471 -37.48 23.16 -3.83
C CYS A 471 -37.20 23.26 -5.32
N GLN A 472 -38.06 24.00 -6.02
CA GLN A 472 -37.86 24.26 -7.43
C GLN A 472 -36.77 25.31 -7.64
N ARG A 473 -36.28 25.40 -8.87
CA ARG A 473 -35.24 26.37 -9.20
C ARG A 473 -35.75 27.79 -9.00
N GLY A 474 -34.84 28.68 -8.61
CA GLY A 474 -35.20 30.07 -8.36
C GLY A 474 -36.05 30.27 -7.13
N ASP A 475 -35.74 29.57 -6.04
CA ASP A 475 -36.42 29.75 -4.76
C ASP A 475 -35.44 30.32 -3.75
N ALA A 476 -35.94 31.22 -2.90
CA ALA A 476 -35.12 31.90 -1.91
C ALA A 476 -35.38 31.32 -0.53
N PHE A 477 -34.30 30.95 0.17
CA PHE A 477 -34.38 30.38 1.50
C PHE A 477 -33.62 31.24 2.50
N PRO A 478 -34.10 31.36 3.73
CA PRO A 478 -33.35 32.10 4.75
C PRO A 478 -32.15 31.31 5.24
N VAL A 479 -31.06 32.03 5.51
CA VAL A 479 -29.84 31.45 6.04
C VAL A 479 -29.67 31.91 7.49
N GLY A 480 -29.43 30.95 8.37
CA GLY A 480 -29.30 31.26 9.79
C GLY A 480 -27.94 31.82 10.15
N GLU A 481 -26.88 31.07 9.85
CA GLU A 481 -25.54 31.50 10.19
C GLU A 481 -24.55 30.85 9.23
N VAL A 482 -23.47 31.58 8.95
CA VAL A 482 -22.33 31.06 8.20
C VAL A 482 -21.07 31.42 8.97
N LYS A 483 -20.18 30.44 9.17
CA LYS A 483 -18.98 30.64 9.95
C LYS A 483 -17.89 29.70 9.47
N MET A 484 -16.65 30.16 9.51
CA MET A 484 -15.54 29.31 9.17
C MET A 484 -15.14 28.44 10.36
N LEU A 485 -14.37 27.39 10.07
CA LEU A 485 -13.87 26.48 11.09
C LEU A 485 -12.35 26.46 11.04
N GLU A 486 -11.74 25.92 12.10
CA GLU A 486 -10.30 25.90 12.24
C GLU A 486 -9.79 24.47 12.29
N LYS A 487 -10.29 23.63 11.38
CA LYS A 487 -9.92 22.22 11.37
C LYS A 487 -8.43 22.06 11.06
N GLN A 488 -7.84 21.02 11.64
CA GLN A 488 -6.45 20.66 11.41
C GLN A 488 -6.39 19.26 10.81
N THR A 489 -5.48 19.07 9.85
CA THR A 489 -5.34 17.77 9.21
C THR A 489 -4.86 16.73 10.24
N ASN A 490 -5.36 15.50 10.09
CA ASN A 490 -5.06 14.50 11.10
C ASN A 490 -3.98 13.54 10.62
N PRO A 491 -3.13 13.05 11.54
CA PRO A 491 -2.10 12.10 11.14
C PRO A 491 -2.72 10.77 10.75
N PRO A 492 -2.08 10.03 9.85
CA PRO A 492 -2.59 8.70 9.50
C PRO A 492 -2.49 7.76 10.69
N ASP A 493 -3.37 6.77 10.71
CA ASP A 493 -3.35 5.76 11.76
C ASP A 493 -2.39 4.64 11.38
N TYR A 494 -2.10 3.79 12.35
CA TYR A 494 -1.19 2.66 12.10
C TYR A 494 -1.82 1.69 11.11
N LEU A 495 -0.96 1.01 10.36
CA LEU A 495 -1.42 0.15 9.28
C LEU A 495 -2.22 -1.02 9.84
N THR A 496 -3.45 -1.18 9.35
CA THR A 496 -4.32 -2.24 9.82
C THR A 496 -4.00 -3.54 9.09
N GLU A 497 -4.56 -4.65 9.61
CA GLU A 497 -4.34 -5.94 8.99
C GLU A 497 -4.92 -5.99 7.58
N ALA A 498 -6.12 -5.43 7.39
CA ALA A 498 -6.72 -5.42 6.06
C ALA A 498 -5.89 -4.61 5.08
N GLU A 499 -5.39 -3.45 5.53
CA GLU A 499 -4.54 -2.64 4.66
C GLU A 499 -3.23 -3.36 4.33
N LEU A 500 -2.67 -4.09 5.30
CA LEU A 500 -1.49 -4.90 5.03
C LEU A 500 -1.77 -5.99 4.00
N ILE A 501 -2.94 -6.64 4.12
CA ILE A 501 -3.34 -7.64 3.13
C ILE A 501 -3.41 -7.01 1.74
N THR A 502 -4.04 -5.84 1.66
CA THR A 502 -4.18 -5.17 0.37
C THR A 502 -2.82 -4.78 -0.20
N LEU A 503 -1.93 -4.25 0.65
CA LEU A 503 -0.60 -3.85 0.18
C LEU A 503 0.22 -5.04 -0.29
N MET A 504 0.15 -6.15 0.44
CA MET A 504 0.91 -7.34 0.04
C MET A 504 0.34 -7.94 -1.24
N GLU A 505 -0.98 -7.88 -1.43
CA GLU A 505 -1.56 -8.36 -2.68
C GLU A 505 -1.18 -7.44 -3.85
N LYS A 506 -1.11 -6.14 -3.60
CA LYS A 506 -0.78 -5.19 -4.66
C LYS A 506 0.67 -5.32 -5.09
N HIS A 507 1.60 -5.35 -4.12
CA HIS A 507 3.02 -5.37 -4.44
C HIS A 507 3.51 -6.74 -4.87
N GLY A 508 2.69 -7.79 -4.72
CA GLY A 508 3.04 -9.10 -5.21
C GLY A 508 3.66 -10.02 -4.18
N ILE A 509 4.15 -9.49 -3.06
CA ILE A 509 4.77 -10.33 -2.03
C ILE A 509 3.67 -11.07 -1.28
N GLY A 510 3.77 -12.39 -1.24
CA GLY A 510 2.78 -13.22 -0.60
C GLY A 510 1.82 -13.83 -1.59
N THR A 511 2.04 -15.09 -1.94
CA THR A 511 1.17 -15.82 -2.85
C THR A 511 0.91 -17.19 -2.27
N ASP A 512 -0.05 -17.90 -2.87
CA ASP A 512 -0.49 -19.21 -2.38
C ASP A 512 -0.93 -19.12 -0.92
N ALA A 513 -1.59 -18.01 -0.57
CA ALA A 513 -2.13 -17.79 0.77
C ALA A 513 -1.05 -17.91 1.85
N SER A 514 0.14 -17.37 1.58
CA SER A 514 1.19 -17.28 2.57
C SER A 514 1.20 -15.96 3.32
N ILE A 515 0.34 -15.03 2.93
CA ILE A 515 0.24 -13.75 3.65
C ILE A 515 -0.15 -13.95 5.11
N PRO A 516 -1.16 -14.77 5.46
CA PRO A 516 -1.41 -15.02 6.88
C PRO A 516 -0.22 -15.60 7.60
N VAL A 517 0.54 -16.49 6.94
CA VAL A 517 1.72 -17.08 7.57
C VAL A 517 2.75 -15.99 7.89
N HIS A 518 2.99 -15.09 6.93
CA HIS A 518 3.97 -14.03 7.15
C HIS A 518 3.52 -13.07 8.24
N ILE A 519 2.23 -12.70 8.23
CA ILE A 519 1.72 -11.78 9.24
C ILE A 519 1.80 -12.41 10.63
N ASN A 520 1.41 -13.69 10.75
CA ASN A 520 1.50 -14.37 12.03
C ASN A 520 2.94 -14.53 12.48
N ASN A 521 3.87 -14.70 11.55
CA ASN A 521 5.28 -14.80 11.91
C ASN A 521 5.79 -13.48 12.48
N ILE A 522 5.51 -12.37 11.80
CA ILE A 522 5.95 -11.06 12.28
C ILE A 522 5.16 -10.59 13.49
N CYS A 523 4.04 -11.24 13.81
CA CYS A 523 3.34 -10.96 15.06
C CYS A 523 3.85 -11.81 16.21
N GLN A 524 4.18 -13.07 15.95
CA GLN A 524 4.75 -13.93 16.99
C GLN A 524 6.13 -13.44 17.39
N ARG A 525 7.00 -13.18 16.41
CA ARG A 525 8.22 -12.44 16.69
C ARG A 525 7.82 -11.01 17.02
N ASN A 526 8.25 -10.51 18.19
CA ASN A 526 7.69 -9.27 18.71
C ASN A 526 8.18 -8.06 17.92
N TYR A 527 7.77 -7.96 16.66
CA TYR A 527 8.06 -6.81 15.83
C TYR A 527 6.88 -5.87 15.68
N VAL A 528 5.66 -6.40 15.75
CA VAL A 528 4.45 -5.59 15.70
C VAL A 528 3.51 -6.04 16.82
N THR A 529 2.76 -5.10 17.36
CA THR A 529 1.74 -5.36 18.36
C THR A 529 0.37 -5.08 17.75
N VAL A 530 -0.61 -5.92 18.11
CA VAL A 530 -1.97 -5.82 17.56
C VAL A 530 -2.77 -4.97 18.54
N GLU A 531 -2.76 -3.66 18.32
CA GLU A 531 -3.54 -2.73 19.11
C GLU A 531 -4.98 -2.69 18.61
N SER A 532 -5.84 -2.06 19.42
CA SER A 532 -7.28 -2.07 19.18
C SER A 532 -7.61 -1.52 17.80
N GLY A 533 -8.64 -2.10 17.19
CA GLY A 533 -8.94 -1.83 15.80
C GLY A 533 -8.13 -2.66 14.83
N ARG A 534 -7.46 -3.71 15.31
CA ARG A 534 -6.58 -4.54 14.49
C ARG A 534 -5.50 -3.70 13.82
N ARG A 535 -4.79 -2.92 14.62
CA ARG A 535 -3.74 -2.04 14.13
C ARG A 535 -2.37 -2.63 14.46
N LEU A 536 -1.49 -2.66 13.47
CA LEU A 536 -0.14 -3.20 13.65
C LEU A 536 0.79 -2.05 14.02
N LYS A 537 1.06 -1.91 15.32
CA LYS A 537 1.98 -0.89 15.79
C LYS A 537 3.38 -1.47 15.87
N PRO A 538 4.34 -0.97 15.09
CA PRO A 538 5.69 -1.53 15.14
C PRO A 538 6.34 -1.32 16.50
N THR A 539 7.13 -2.30 16.94
CA THR A 539 7.86 -2.19 18.19
C THR A 539 9.23 -1.57 17.95
N ASN A 540 9.92 -1.28 19.05
CA ASN A 540 11.26 -0.66 18.94
C ASN A 540 12.19 -1.59 18.17
N LEU A 541 12.20 -2.87 18.52
CA LEU A 541 13.11 -3.81 17.86
C LEU A 541 12.85 -3.86 16.36
N GLY A 542 11.59 -3.96 15.96
CA GLY A 542 11.27 -4.01 14.54
C GLY A 542 11.64 -2.73 13.82
N ILE A 543 11.34 -1.57 14.43
CA ILE A 543 11.68 -0.29 13.82
C ILE A 543 13.18 -0.19 13.61
N VAL A 544 13.96 -0.53 14.64
CA VAL A 544 15.41 -0.42 14.54
C VAL A 544 15.95 -1.40 13.49
N LEU A 545 15.43 -2.62 13.48
CA LEU A 545 15.90 -3.62 12.51
C LEU A 545 15.65 -3.14 11.08
N VAL A 546 14.42 -2.69 10.79
CA VAL A 546 14.12 -2.30 9.42
C VAL A 546 14.86 -1.02 9.05
N HIS A 547 15.05 -0.09 10.00
CA HIS A 547 15.81 1.11 9.69
C HIS A 547 17.26 0.77 9.36
N GLY A 548 17.87 -0.15 10.12
CA GLY A 548 19.23 -0.58 9.78
C GLY A 548 19.29 -1.28 8.44
N TYR A 549 18.31 -2.12 8.15
CA TYR A 549 18.27 -2.80 6.85
C TYR A 549 18.14 -1.79 5.72
N TYR A 550 17.29 -0.77 5.89
CA TYR A 550 17.14 0.26 4.88
C TYR A 550 18.42 1.06 4.69
N LYS A 551 19.12 1.35 5.80
CA LYS A 551 20.38 2.08 5.72
C LYS A 551 21.43 1.28 4.96
N ILE A 552 21.48 -0.03 5.19
CA ILE A 552 22.52 -0.84 4.56
C ILE A 552 22.19 -1.13 3.10
N ASP A 553 20.98 -1.62 2.84
CA ASP A 553 20.57 -1.96 1.48
C ASP A 553 19.06 -1.86 1.40
N ALA A 554 18.57 -0.93 0.58
CA ALA A 554 17.12 -0.68 0.50
C ALA A 554 16.36 -1.89 -0.03
N GLU A 555 16.95 -2.61 -0.99
CA GLU A 555 16.26 -3.74 -1.61
C GLU A 555 16.02 -4.89 -0.63
N LEU A 556 16.71 -4.90 0.50
CA LEU A 556 16.43 -5.90 1.54
C LEU A 556 15.09 -5.66 2.21
N VAL A 557 14.55 -4.44 2.13
CA VAL A 557 13.27 -4.09 2.72
C VAL A 557 12.20 -3.89 1.68
N LEU A 558 12.52 -3.21 0.58
CA LEU A 558 11.53 -2.90 -0.44
C LEU A 558 11.01 -4.20 -1.07
N PRO A 559 9.73 -4.26 -1.42
CA PRO A 559 9.13 -5.50 -1.98
C PRO A 559 9.30 -5.59 -3.50
N THR A 560 10.56 -5.71 -3.94
CA THR A 560 10.88 -5.87 -5.34
C THR A 560 11.53 -7.22 -5.64
N ILE A 561 12.58 -7.56 -4.89
CA ILE A 561 13.25 -8.85 -5.11
C ILE A 561 12.30 -10.00 -4.79
N ARG A 562 11.54 -9.90 -3.71
CA ARG A 562 10.59 -10.94 -3.36
C ARG A 562 9.49 -11.05 -4.41
N SER A 563 9.01 -9.93 -4.94
CA SER A 563 8.00 -9.97 -5.99
C SER A 563 8.53 -10.67 -7.23
N ALA A 564 9.77 -10.34 -7.64
CA ALA A 564 10.36 -10.99 -8.80
C ALA A 564 10.56 -12.48 -8.55
N VAL A 565 11.00 -12.85 -7.35
CA VAL A 565 11.23 -14.26 -7.03
C VAL A 565 9.92 -15.02 -7.05
N GLU A 566 8.85 -14.44 -6.50
CA GLU A 566 7.56 -15.12 -6.50
C GLU A 566 7.00 -15.24 -7.91
N LYS A 567 7.23 -14.22 -8.75
CA LYS A 567 6.83 -14.35 -10.14
C LYS A 567 7.57 -15.49 -10.83
N GLN A 568 8.89 -15.59 -10.59
CA GLN A 568 9.65 -16.68 -11.20
C GLN A 568 9.20 -18.03 -10.66
N LEU A 569 8.79 -18.10 -9.40
CA LEU A 569 8.24 -19.34 -8.87
C LEU A 569 6.91 -19.69 -9.54
N ASN A 570 6.09 -18.67 -9.84
CA ASN A 570 4.86 -18.92 -10.57
C ASN A 570 5.15 -19.47 -11.97
N LEU A 571 6.15 -18.91 -12.65
CA LEU A 571 6.56 -19.47 -13.94
C LEU A 571 7.15 -20.87 -13.80
N ILE A 572 7.80 -21.17 -12.68
CA ILE A 572 8.19 -22.55 -12.39
C ILE A 572 6.95 -23.44 -12.35
N ALA A 573 5.92 -22.96 -11.67
CA ALA A 573 4.68 -23.73 -11.57
C ALA A 573 4.05 -23.97 -12.93
N GLN A 574 4.03 -22.95 -13.79
CA GLN A 574 3.44 -23.10 -15.11
C GLN A 574 4.46 -23.53 -16.16
N GLY A 575 5.25 -24.54 -15.82
CA GLY A 575 6.13 -25.22 -16.75
C GLY A 575 7.07 -24.42 -17.63
N LYS A 576 7.25 -23.12 -17.37
CA LYS A 576 8.19 -22.31 -18.15
C LYS A 576 9.12 -21.55 -17.20
N ALA A 577 10.16 -22.24 -16.73
CA ALA A 577 11.23 -21.70 -15.91
C ALA A 577 12.19 -22.83 -15.61
N ASP A 578 13.40 -22.49 -15.22
CA ASP A 578 14.39 -23.47 -14.78
C ASP A 578 14.61 -23.32 -13.29
N TYR A 579 14.28 -24.36 -12.54
CA TYR A 579 14.40 -24.33 -11.09
C TYR A 579 15.84 -24.09 -10.66
N ARG A 580 16.78 -24.82 -11.26
CA ARG A 580 18.18 -24.63 -10.93
C ARG A 580 18.65 -23.22 -11.26
N GLN A 581 18.25 -22.70 -12.42
CA GLN A 581 18.69 -21.38 -12.84
C GLN A 581 18.18 -20.30 -11.89
N VAL A 582 16.89 -20.33 -11.56
CA VAL A 582 16.33 -19.30 -10.70
C VAL A 582 16.91 -19.41 -9.29
N LEU A 583 17.05 -20.64 -8.78
CA LEU A 583 17.61 -20.82 -7.45
C LEU A 583 19.04 -20.29 -7.39
N GLY A 584 19.86 -20.62 -8.39
CA GLY A 584 21.23 -20.15 -8.40
C GLY A 584 21.32 -18.65 -8.53
N HIS A 585 20.48 -18.07 -9.39
CA HIS A 585 20.48 -16.59 -9.58
C HIS A 585 20.16 -15.92 -8.26
N THR A 586 19.06 -16.32 -7.61
CA THR A 586 18.64 -15.67 -6.37
C THR A 586 19.70 -15.87 -5.29
N LEU A 587 20.27 -17.08 -5.19
CA LEU A 587 21.29 -17.32 -4.18
C LEU A 587 22.52 -16.47 -4.43
N ASP A 588 22.90 -16.28 -5.70
CA ASP A 588 24.07 -15.48 -6.01
C ASP A 588 23.85 -14.00 -5.67
N VAL A 589 22.70 -13.45 -6.05
CA VAL A 589 22.46 -12.03 -5.76
C VAL A 589 22.36 -11.81 -4.25
N PHE A 590 21.71 -12.73 -3.54
CA PHE A 590 21.61 -12.57 -2.09
C PHE A 590 22.95 -12.84 -1.40
N LYS A 591 23.82 -13.65 -2.01
CA LYS A 591 25.16 -13.84 -1.46
C LYS A 591 25.99 -12.57 -1.59
N ARG A 592 25.91 -11.91 -2.76
CA ARG A 592 26.61 -10.64 -2.92
C ARG A 592 26.05 -9.60 -1.94
N LYS A 593 24.73 -9.55 -1.77
CA LYS A 593 24.16 -8.60 -0.83
C LYS A 593 24.55 -8.92 0.60
N PHE A 594 24.68 -10.21 0.93
CA PHE A 594 25.11 -10.58 2.27
C PHE A 594 26.57 -10.20 2.51
N HIS A 595 27.42 -10.36 1.50
CA HIS A 595 28.80 -9.92 1.65
C HIS A 595 28.87 -8.41 1.87
N TYR A 596 28.06 -7.65 1.12
CA TYR A 596 28.01 -6.21 1.36
C TYR A 596 27.46 -5.91 2.76
N PHE A 597 26.49 -6.69 3.21
CA PHE A 597 25.92 -6.50 4.55
C PHE A 597 26.98 -6.71 5.63
N VAL A 598 27.79 -7.76 5.48
CA VAL A 598 28.86 -8.02 6.43
C VAL A 598 29.90 -6.91 6.39
N ASP A 599 30.28 -6.47 5.19
CA ASP A 599 31.29 -5.43 5.07
C ASP A 599 30.77 -4.05 5.45
N SER A 600 29.46 -3.88 5.62
CA SER A 600 28.86 -2.59 5.95
C SER A 600 27.84 -2.73 7.06
N ILE A 601 28.13 -3.61 8.04
CA ILE A 601 27.23 -3.76 9.19
C ILE A 601 27.38 -2.64 10.20
N ALA A 602 28.39 -1.78 10.04
CA ALA A 602 28.61 -0.70 11.00
C ALA A 602 27.41 0.23 11.08
N GLY A 603 26.71 0.44 9.96
CA GLY A 603 25.55 1.32 9.99
C GLY A 603 24.46 0.82 10.91
N MET A 604 24.24 -0.50 10.93
CA MET A 604 23.23 -1.07 11.82
C MET A 604 23.70 -1.11 13.26
N ASP A 605 25.00 -1.28 13.48
CA ASP A 605 25.48 -1.39 14.89
C ASP A 605 25.20 -0.06 15.59
N GLU A 606 25.33 1.05 14.85
CA GLU A 606 25.17 2.39 15.48
C GLU A 606 23.74 2.57 16.00
N LEU A 607 22.73 2.25 15.19
CA LEU A 607 21.32 2.48 15.62
C LEU A 607 21.00 1.56 16.79
N MET A 608 21.72 0.47 16.94
CA MET A 608 21.43 -0.51 18.03
C MET A 608 22.11 -0.05 19.31
N GLU A 609 23.28 0.58 19.22
CA GLU A 609 23.94 1.10 20.40
C GLU A 609 23.15 2.23 21.04
N VAL A 610 22.59 3.13 20.23
CA VAL A 610 21.85 4.26 20.76
C VAL A 610 20.44 3.88 21.21
N SER A 611 19.95 2.71 20.81
CA SER A 611 18.59 2.30 21.11
C SER A 611 18.50 1.27 22.23
N PHE A 612 19.37 0.27 22.23
CA PHE A 612 19.28 -0.84 23.16
C PHE A 612 20.39 -0.83 24.22
N SER A 613 21.12 0.27 24.34
CA SER A 613 22.14 0.42 25.38
C SER A 613 21.85 1.66 26.20
N PRO A 614 21.55 1.53 27.50
CA PRO A 614 21.23 2.72 28.30
C PRO A 614 22.44 3.52 28.74
N LEU A 615 23.63 2.93 28.73
CA LEU A 615 24.84 3.62 29.17
C LEU A 615 25.59 4.30 28.03
N ALA A 616 25.04 4.27 26.81
CA ALA A 616 25.72 4.89 25.68
C ALA A 616 24.76 5.71 24.82
N ALA A 617 23.59 6.06 25.35
CA ALA A 617 22.60 6.84 24.61
C ALA A 617 22.37 8.23 25.21
N THR A 618 23.24 8.67 26.12
CA THR A 618 23.09 9.97 26.77
C THR A 618 24.07 10.95 26.14
N GLY A 619 23.54 12.03 25.58
CA GLY A 619 24.37 13.05 24.96
C GLY A 619 23.69 14.41 25.01
N LYS A 620 24.48 15.43 24.73
CA LYS A 620 23.97 16.80 24.76
C LYS A 620 23.05 17.04 23.57
N PRO A 621 21.94 17.74 23.77
CA PRO A 621 21.06 18.07 22.64
C PRO A 621 21.76 18.97 21.63
N LEU A 622 21.33 18.86 20.37
CA LEU A 622 21.98 19.58 19.27
C LEU A 622 20.92 19.89 18.22
N SER A 623 21.38 20.17 17.00
CA SER A 623 20.53 20.67 15.92
C SER A 623 19.26 19.84 15.75
N ARG A 624 18.21 20.50 15.27
CA ARG A 624 16.91 19.87 15.10
C ARG A 624 16.97 18.72 14.09
N CYS A 625 15.96 17.86 14.15
CA CYS A 625 15.75 16.86 13.12
C CYS A 625 15.15 17.55 11.89
N GLY A 626 15.15 16.86 10.75
CA GLY A 626 14.60 17.44 9.54
C GLY A 626 13.25 16.86 9.20
N LYS A 627 12.83 15.84 9.97
CA LYS A 627 11.54 15.19 9.78
C LYS A 627 10.66 15.40 11.00
N CYS A 628 11.27 15.67 12.16
CA CYS A 628 10.58 15.76 13.43
C CYS A 628 10.49 17.17 13.97
N HIS A 629 11.39 18.06 13.57
CA HIS A 629 11.58 19.36 14.23
C HIS A 629 11.79 19.17 15.72
N ARG A 630 12.62 18.19 16.05
CA ARG A 630 12.92 17.83 17.44
C ARG A 630 14.44 17.73 17.61
N PHE A 631 14.87 17.92 18.85
CA PHE A 631 16.29 17.91 19.15
C PHE A 631 16.90 16.53 18.91
N MET A 632 18.14 16.53 18.44
CA MET A 632 18.92 15.32 18.23
C MET A 632 20.09 15.30 19.20
N LYS A 633 20.31 14.15 19.83
CA LYS A 633 21.35 13.99 20.83
C LYS A 633 22.68 13.63 20.17
N TYR A 634 23.75 14.22 20.69
CA TYR A 634 25.09 14.09 20.11
C TYR A 634 25.92 13.22 21.04
N ILE A 635 26.18 11.98 20.60
CA ILE A 635 26.86 10.97 21.42
C ILE A 635 28.36 11.11 21.24
N GLN A 636 29.11 10.93 22.33
CA GLN A 636 30.56 11.09 22.34
C GLN A 636 31.29 9.75 22.30
N ALA A 637 30.74 8.75 21.62
CA ALA A 637 31.43 7.49 21.45
C ALA A 637 32.52 7.61 20.40
N LYS A 638 33.23 6.52 20.15
CA LYS A 638 34.26 6.53 19.11
C LYS A 638 33.67 6.83 17.73
N PRO A 639 32.59 6.18 17.28
CA PRO A 639 31.89 6.67 16.07
C PRO A 639 30.83 7.71 16.40
N SER A 640 31.30 8.96 16.57
CA SER A 640 30.44 10.06 16.99
C SER A 640 29.19 10.15 16.13
N ARG A 641 28.04 10.16 16.80
CA ARG A 641 26.75 10.00 16.15
C ARG A 641 25.89 11.24 16.33
N LEU A 642 24.64 11.14 15.88
CA LEU A 642 23.64 12.18 16.10
C LEU A 642 22.28 11.48 16.03
N HIS A 643 21.70 11.20 17.21
CA HIS A 643 20.57 10.30 17.34
C HIS A 643 19.29 11.07 17.57
N CYS A 644 18.22 10.69 16.86
CA CYS A 644 16.89 11.23 17.07
C CYS A 644 16.04 10.19 17.79
N SER A 645 15.45 10.58 18.91
CA SER A 645 14.63 9.66 19.68
C SER A 645 13.26 9.45 19.04
N HIS A 646 12.69 10.49 18.43
CA HIS A 646 11.36 10.37 17.84
C HIS A 646 11.35 9.34 16.71
N CYS A 647 12.12 9.62 15.65
CA CYS A 647 12.32 8.65 14.57
C CYS A 647 13.63 7.93 14.82
N ASP A 648 13.57 6.60 14.92
CA ASP A 648 14.72 5.82 15.32
C ASP A 648 15.75 5.76 14.20
N GLU A 649 16.49 6.85 14.01
CA GLU A 649 17.52 6.95 12.99
C GLU A 649 18.74 7.61 13.60
N THR A 650 19.92 7.23 13.09
CA THR A 650 21.18 7.81 13.54
C THR A 650 21.95 8.34 12.33
N TYR A 651 22.75 9.37 12.57
CA TYR A 651 23.52 10.02 11.52
C TYR A 651 24.98 10.12 11.95
N THR A 652 25.88 9.73 11.06
CA THR A 652 27.30 9.68 11.35
C THR A 652 27.93 11.04 11.08
N LEU A 653 28.86 11.43 11.95
CA LEU A 653 29.58 12.70 11.85
C LEU A 653 31.08 12.42 11.85
N PRO A 654 31.87 13.33 11.30
CA PRO A 654 33.32 13.10 11.24
C PRO A 654 33.94 13.00 12.63
N ASN A 655 35.02 12.24 12.72
CA ASN A 655 35.72 11.99 13.97
C ASN A 655 37.03 12.78 13.99
N ASN A 656 37.64 12.81 15.17
CA ASN A 656 38.84 13.61 15.44
C ASN A 656 38.56 15.10 15.26
N GLY A 657 37.62 15.60 16.06
CA GLY A 657 37.28 17.01 16.03
C GLY A 657 36.07 17.29 16.91
N THR A 658 35.46 18.45 16.68
CA THR A 658 34.32 18.89 17.46
C THR A 658 33.18 19.29 16.53
N ILE A 659 31.96 19.24 17.06
CA ILE A 659 30.75 19.61 16.34
C ILE A 659 30.09 20.76 17.07
N LYS A 660 29.76 21.82 16.34
CA LYS A 660 29.10 22.99 16.91
C LYS A 660 27.99 23.44 15.97
N LEU A 661 27.00 24.12 16.53
CA LEU A 661 25.88 24.61 15.74
C LEU A 661 26.32 25.72 14.81
N TYR A 662 25.71 25.74 13.61
CA TYR A 662 26.07 26.76 12.58
C TYR A 662 25.00 27.85 12.45
N LYS A 663 24.78 28.65 13.49
CA LYS A 663 23.86 29.83 13.39
C LYS A 663 22.42 29.43 13.02
N GLU A 664 21.92 28.30 13.50
CA GLU A 664 20.47 27.94 13.32
C GLU A 664 20.05 27.79 11.84
N LEU A 665 20.81 28.29 10.87
CA LEU A 665 20.46 28.08 9.48
C LEU A 665 20.07 26.62 9.25
N ARG A 666 19.42 26.38 8.10
CA ARG A 666 18.84 25.09 7.80
C ARG A 666 19.16 24.73 6.35
N CYS A 667 19.36 23.44 6.12
CA CYS A 667 19.59 22.94 4.77
C CYS A 667 18.31 23.06 3.95
N PRO A 668 18.38 23.58 2.72
CA PRO A 668 17.16 23.84 1.96
C PRO A 668 16.67 22.64 1.16
N LEU A 669 17.19 21.45 1.48
CA LEU A 669 16.82 20.26 0.70
C LEU A 669 16.21 19.20 1.60
N ASP A 670 16.72 19.08 2.83
CA ASP A 670 16.24 17.99 3.76
C ASP A 670 15.63 18.58 5.03
N ASP A 671 15.69 19.90 5.22
CA ASP A 671 15.10 20.57 6.38
C ASP A 671 15.92 20.39 7.65
N PHE A 672 17.02 19.64 7.60
CA PHE A 672 17.87 19.47 8.76
C PHE A 672 18.65 20.76 9.05
N GLU A 673 19.02 20.93 10.31
CA GLU A 673 19.84 22.06 10.73
C GLU A 673 21.31 21.67 10.61
N LEU A 674 22.05 22.40 9.79
CA LEU A 674 23.44 22.07 9.51
C LEU A 674 24.34 22.53 10.65
N VAL A 675 25.37 21.73 10.93
CA VAL A 675 26.33 22.02 12.00
C VAL A 675 27.71 22.14 11.38
N LEU A 676 28.59 22.87 12.09
CA LEU A 676 29.95 23.07 11.60
C LEU A 676 30.87 22.00 12.17
N TRP A 677 32.07 21.92 11.59
CA TRP A 677 33.05 20.90 11.93
C TRP A 677 34.42 21.57 12.15
N SER A 678 34.81 21.71 13.42
CA SER A 678 36.12 22.27 13.75
C SER A 678 37.16 21.16 13.69
N SER A 679 38.05 21.26 12.70
CA SER A 679 39.04 20.20 12.44
C SER A 679 40.28 20.43 13.29
N GLY A 680 40.13 20.16 14.59
CA GLY A 680 41.26 20.18 15.50
C GLY A 680 41.98 21.51 15.61
N SER A 681 43.19 21.57 15.04
CA SER A 681 44.02 22.76 15.11
C SER A 681 43.29 23.97 14.54
N ARG A 682 43.81 25.16 14.88
CA ARG A 682 43.19 26.41 14.47
C ARG A 682 43.18 26.55 12.95
N GLY A 683 41.99 26.52 12.37
CA GLY A 683 41.87 26.60 10.93
C GLY A 683 40.43 26.72 10.50
N LYS A 684 40.22 26.54 9.20
CA LYS A 684 38.88 26.68 8.64
C LYS A 684 37.97 25.54 9.09
N SER A 685 36.69 25.85 9.22
CA SER A 685 35.66 24.87 9.53
C SER A 685 34.58 24.94 8.46
N TYR A 686 34.14 23.79 7.98
CA TYR A 686 33.18 23.79 6.89
C TYR A 686 31.80 23.33 7.36
N PRO A 687 30.73 23.89 6.79
CA PRO A 687 29.39 23.44 7.14
C PRO A 687 29.17 21.98 6.78
N LEU A 688 28.14 21.39 7.40
CA LEU A 688 27.88 19.96 7.21
C LEU A 688 26.41 19.69 7.53
N CYS A 689 25.67 19.23 6.55
CA CYS A 689 24.30 18.79 6.77
C CYS A 689 24.29 17.38 7.33
N PRO A 690 23.68 17.14 8.49
CA PRO A 690 23.71 15.79 9.07
C PRO A 690 23.11 14.72 8.18
N TYR A 691 22.04 15.03 7.46
CA TYR A 691 21.39 14.05 6.60
C TYR A 691 22.11 13.86 5.27
N CYS A 692 22.71 14.91 4.72
CA CYS A 692 23.44 14.81 3.47
C CYS A 692 24.80 14.14 3.64
N TYR A 693 25.41 14.27 4.83
CA TYR A 693 26.68 13.60 5.08
C TYR A 693 26.54 12.09 5.11
N ASN A 694 25.35 11.58 5.41
CA ASN A 694 25.08 10.15 5.42
C ASN A 694 24.33 9.68 4.18
N HIS A 695 23.35 10.45 3.73
CA HIS A 695 22.60 10.13 2.50
C HIS A 695 22.84 11.25 1.49
N PRO A 696 23.74 11.06 0.54
CA PRO A 696 24.01 12.12 -0.43
C PRO A 696 22.79 12.40 -1.28
N PRO A 697 22.59 13.66 -1.68
CA PRO A 697 21.45 13.98 -2.55
C PRO A 697 21.75 13.80 -4.02
N PHE A 698 23.04 13.82 -4.37
CA PHE A 698 23.47 13.70 -5.76
C PHE A 698 24.35 12.47 -5.92
N ARG A 699 24.30 11.89 -7.12
CA ARG A 699 25.00 10.63 -7.38
C ARG A 699 26.51 10.80 -7.30
N ASP A 700 27.02 11.95 -7.79
CA ASP A 700 28.47 12.13 -7.90
C ASP A 700 29.14 12.11 -6.52
N MET A 701 28.55 12.77 -5.54
CA MET A 701 29.12 12.82 -4.20
C MET A 701 28.84 11.54 -3.45
N LYS A 702 29.87 10.98 -2.82
CA LYS A 702 29.78 9.73 -2.09
C LYS A 702 29.43 9.97 -0.63
N LYS A 703 29.27 8.86 0.09
CA LYS A 703 28.85 8.94 1.51
C LYS A 703 30.00 9.40 2.40
N GLY A 704 29.77 10.44 3.19
CA GLY A 704 30.74 10.93 4.14
C GLY A 704 31.53 12.15 3.74
N MET A 705 30.99 13.05 2.93
CA MET A 705 31.67 14.28 2.57
C MET A 705 30.69 15.44 2.66
N GLY A 706 31.15 16.57 3.19
CA GLY A 706 30.29 17.67 3.54
C GLY A 706 29.95 18.58 2.36
N CYS A 707 29.40 19.75 2.72
CA CYS A 707 28.93 20.71 1.72
C CYS A 707 30.07 21.45 1.02
N ASN A 708 31.33 21.07 1.25
CA ASN A 708 32.42 21.67 0.50
C ASN A 708 32.29 21.38 -0.99
N GLU A 709 31.87 20.16 -1.33
CA GLU A 709 31.59 19.78 -2.71
C GLU A 709 30.17 19.21 -2.76
N CYS A 710 29.21 19.94 -2.19
CA CYS A 710 27.84 19.46 -2.13
C CYS A 710 27.26 19.22 -3.51
N THR A 711 27.83 19.90 -4.53
CA THR A 711 27.38 19.78 -5.92
C THR A 711 25.88 20.07 -6.05
N HIS A 712 25.44 21.17 -5.44
CA HIS A 712 24.04 21.54 -5.42
C HIS A 712 23.89 22.99 -5.88
N PRO A 713 23.06 23.26 -6.90
CA PRO A 713 22.86 24.67 -7.31
C PRO A 713 22.31 25.56 -6.20
N SER A 714 21.44 25.03 -5.34
CA SER A 714 20.96 25.73 -4.16
C SER A 714 21.90 25.39 -2.99
N CYS A 715 21.54 25.65 -1.73
CA CYS A 715 22.45 25.46 -0.60
C CYS A 715 23.69 26.35 -0.74
N GLN A 716 23.46 27.66 -0.63
CA GLN A 716 24.47 28.71 -0.81
C GLN A 716 25.79 28.40 -0.15
N HIS A 717 25.76 27.71 1.00
CA HIS A 717 26.97 27.36 1.74
C HIS A 717 27.96 26.61 0.87
N SER A 718 27.47 25.81 -0.07
CA SER A 718 28.33 25.09 -0.99
C SER A 718 29.10 26.04 -1.90
N MET B 1 7.91 59.03 -33.35
CA MET B 1 8.46 57.73 -33.73
C MET B 1 8.57 56.82 -32.52
N ALA B 2 9.69 56.93 -31.79
CA ALA B 2 9.85 56.15 -30.57
C ALA B 2 8.82 56.52 -29.52
N GLN B 3 8.55 57.82 -29.38
CA GLN B 3 7.58 58.26 -28.38
C GLN B 3 6.16 57.78 -28.71
N VAL B 4 5.76 57.88 -29.99
CA VAL B 4 4.43 57.40 -30.35
C VAL B 4 4.36 55.89 -30.28
N ALA B 5 5.48 55.19 -30.54
CA ALA B 5 5.52 53.75 -30.35
C ALA B 5 5.31 53.39 -28.89
N GLY B 6 5.97 54.13 -27.98
CA GLY B 6 5.74 53.89 -26.56
C GLY B 6 4.33 54.21 -26.12
N ALA B 7 3.74 55.26 -26.69
CA ALA B 7 2.35 55.58 -26.39
C ALA B 7 1.41 54.46 -26.84
N ALA B 8 1.65 53.93 -28.05
CA ALA B 8 0.85 52.80 -28.51
C ALA B 8 1.09 51.57 -27.64
N LEU B 9 2.31 51.38 -27.14
CA LEU B 9 2.60 50.29 -26.22
C LEU B 9 1.77 50.43 -24.94
N SER B 10 1.74 51.64 -24.38
CA SER B 10 0.95 51.88 -23.17
C SER B 10 -0.54 51.66 -23.45
N GLN B 11 -1.02 52.11 -24.61
CA GLN B 11 -2.42 51.89 -24.96
C GLN B 11 -2.73 50.40 -25.06
N ALA B 12 -1.82 49.64 -25.66
CA ALA B 12 -1.99 48.19 -25.72
C ALA B 12 -1.98 47.58 -24.33
N GLY B 13 -1.27 48.19 -23.39
CA GLY B 13 -1.32 47.78 -22.00
C GLY B 13 0.01 47.44 -21.36
N TRP B 14 1.13 47.55 -22.08
CA TRP B 14 2.44 47.28 -21.50
C TRP B 14 3.00 48.59 -20.98
N TYR B 15 2.70 48.89 -19.71
CA TYR B 15 3.18 50.13 -19.10
C TYR B 15 4.66 49.98 -18.79
N LEU B 16 5.51 50.37 -19.73
CA LEU B 16 6.95 50.31 -19.58
C LEU B 16 7.52 51.71 -19.42
N SER B 17 8.72 51.78 -18.86
CA SER B 17 9.42 53.05 -18.68
C SER B 17 10.31 53.33 -19.89
N ASP B 18 10.50 54.62 -20.17
CA ASP B 18 11.27 55.03 -21.33
C ASP B 18 12.65 54.38 -21.33
N GLU B 19 13.23 54.19 -20.15
CA GLU B 19 14.46 53.41 -20.04
C GLU B 19 14.23 51.98 -20.52
N GLY B 20 13.08 51.40 -20.17
CA GLY B 20 12.78 50.05 -20.63
C GLY B 20 12.65 49.95 -22.14
N ILE B 21 11.96 50.91 -22.75
CA ILE B 21 11.86 50.92 -24.21
C ILE B 21 13.24 51.10 -24.84
N GLU B 22 14.05 52.02 -24.30
CA GLU B 22 15.38 52.25 -24.85
C GLU B 22 16.28 51.03 -24.67
N ALA B 23 16.03 50.21 -23.63
CA ALA B 23 16.77 48.97 -23.46
C ALA B 23 16.29 47.89 -24.42
N CYS B 24 15.00 47.86 -24.73
CA CYS B 24 14.42 46.89 -25.65
C CYS B 24 14.18 47.60 -26.98
N THR B 25 15.22 47.63 -27.81
CA THR B 25 15.18 48.36 -29.07
C THR B 25 15.56 47.45 -30.24
N SER B 26 15.47 48.03 -31.43
CA SER B 26 15.90 47.42 -32.69
C SER B 26 16.88 48.39 -33.35
N SER B 27 17.18 48.18 -34.63
CA SER B 27 17.97 49.12 -35.41
C SER B 27 17.51 50.55 -35.10
N PRO B 28 18.37 51.40 -34.56
CA PRO B 28 17.90 52.65 -33.94
C PRO B 28 17.44 53.70 -34.95
N ASP B 29 16.56 53.29 -35.86
CA ASP B 29 15.87 54.23 -36.75
C ASP B 29 14.39 53.96 -36.89
N LYS B 30 13.90 52.77 -36.52
CA LYS B 30 12.49 52.44 -36.57
C LYS B 30 12.21 51.18 -35.75
N VAL B 31 11.28 51.26 -34.81
CA VAL B 31 10.91 50.13 -33.96
C VAL B 31 9.40 49.95 -34.03
N ASN B 32 8.95 48.70 -33.98
CA ASN B 32 7.54 48.39 -34.08
C ASN B 32 7.03 47.73 -32.80
N VAL B 33 5.80 48.07 -32.43
CA VAL B 33 5.23 47.64 -31.16
C VAL B 33 5.26 46.13 -31.05
N ASN B 34 5.12 45.42 -32.18
CA ASN B 34 5.26 43.96 -32.15
C ASN B 34 6.66 43.56 -31.71
N ASP B 35 7.69 44.27 -32.19
CA ASP B 35 9.05 43.97 -31.75
C ASP B 35 9.23 44.24 -30.26
N ILE B 36 8.68 45.36 -29.77
CA ILE B 36 8.78 45.61 -28.33
C ILE B 36 8.07 44.52 -27.52
N ILE B 37 6.89 44.09 -27.98
CA ILE B 37 6.18 43.02 -27.28
C ILE B 37 7.01 41.74 -27.26
N LEU B 38 7.57 41.37 -28.42
CA LEU B 38 8.33 40.14 -28.51
C LEU B 38 9.56 40.17 -27.60
N ILE B 39 10.25 41.31 -27.57
CA ILE B 39 11.42 41.42 -26.69
C ILE B 39 11.00 41.40 -25.23
N ALA B 40 9.92 42.10 -24.88
CA ALA B 40 9.48 42.19 -23.49
C ALA B 40 9.05 40.83 -22.96
N LEU B 41 8.36 40.03 -23.78
CA LEU B 41 7.93 38.71 -23.33
C LEU B 41 9.11 37.86 -22.87
N ASN B 42 10.24 37.97 -23.55
CA ASN B 42 11.45 37.26 -23.15
C ASN B 42 12.21 37.95 -22.02
N THR B 43 11.81 39.16 -21.63
CA THR B 43 12.51 39.92 -20.62
C THR B 43 11.75 39.86 -19.30
N ASP B 44 12.50 39.72 -18.21
CA ASP B 44 11.89 39.74 -16.88
C ASP B 44 11.24 41.09 -16.62
N LEU B 45 10.10 41.06 -15.91
CA LEU B 45 9.33 42.29 -15.69
C LEU B 45 10.00 43.19 -14.67
N ARG B 46 10.83 42.65 -13.78
CA ARG B 46 11.45 43.50 -12.77
C ARG B 46 12.53 44.40 -13.36
N THR B 47 13.21 43.94 -14.41
CA THR B 47 14.30 44.74 -15.00
C THR B 47 13.77 46.02 -15.63
N ILE B 48 12.63 45.94 -16.30
CA ILE B 48 12.06 47.09 -17.00
C ILE B 48 10.72 47.44 -16.38
N GLY B 49 10.04 48.44 -16.94
CA GLY B 49 8.68 48.75 -16.54
C GLY B 49 8.61 49.97 -15.65
N LYS B 50 7.42 50.16 -15.10
CA LYS B 50 7.09 51.35 -14.32
C LYS B 50 6.16 50.94 -13.18
N LYS B 51 5.52 51.91 -12.55
CA LYS B 51 4.64 51.66 -11.40
C LYS B 51 3.25 52.18 -11.73
N PHE B 52 2.34 51.26 -12.07
CA PHE B 52 0.92 51.59 -12.22
C PHE B 52 0.05 50.96 -11.15
N LEU B 53 0.46 49.83 -10.60
CA LEU B 53 -0.25 49.26 -9.45
C LEU B 53 -0.09 50.20 -8.26
N PRO B 54 -1.18 50.66 -7.66
CA PRO B 54 -1.06 51.54 -6.49
C PRO B 54 -0.43 50.80 -5.32
N SER B 55 0.31 51.55 -4.50
CA SER B 55 0.94 50.95 -3.33
C SER B 55 -0.05 50.85 -2.18
N ASP B 56 -1.24 50.33 -2.47
CA ASP B 56 -2.25 50.09 -1.45
C ASP B 56 -3.05 48.82 -1.71
N ILE B 57 -2.70 48.04 -2.74
CA ILE B 57 -3.53 46.90 -3.14
C ILE B 57 -3.54 45.82 -2.07
N ASN B 58 -2.40 45.61 -1.41
CA ASN B 58 -2.36 44.65 -0.31
C ASN B 58 -2.99 45.20 0.97
N SER B 59 -3.15 46.52 1.07
CA SER B 59 -3.74 47.10 2.26
C SER B 59 -5.22 46.76 2.39
N GLY B 60 -5.93 46.69 1.27
CA GLY B 60 -7.35 46.42 1.28
C GLY B 60 -8.24 47.63 1.14
N LYS B 61 -7.68 48.80 0.87
CA LYS B 61 -8.45 50.03 0.73
C LYS B 61 -8.87 50.31 -0.71
N VAL B 62 -8.57 49.40 -1.64
CA VAL B 62 -8.96 49.56 -3.04
C VAL B 62 -9.76 48.33 -3.45
N GLU B 63 -10.64 48.52 -4.43
CA GLU B 63 -11.50 47.44 -4.91
C GLU B 63 -11.66 47.45 -6.42
N LYS B 64 -10.69 47.99 -7.14
CA LYS B 64 -10.82 48.13 -8.60
C LYS B 64 -9.44 48.19 -9.22
N LEU B 65 -9.26 47.48 -10.34
CA LEU B 65 -8.02 47.46 -11.08
C LEU B 65 -8.28 47.79 -12.54
N GLU B 66 -9.00 48.89 -12.78
CA GLU B 66 -9.36 49.29 -14.13
C GLU B 66 -8.11 49.46 -15.00
N GLY B 67 -8.18 48.94 -16.22
CA GLY B 67 -7.11 49.09 -17.17
C GLY B 67 -6.52 47.75 -17.61
N PRO B 68 -6.12 47.67 -18.87
CA PRO B 68 -5.46 46.44 -19.36
C PRO B 68 -4.04 46.33 -18.84
N CYS B 69 -3.88 45.83 -17.62
CA CYS B 69 -2.59 45.84 -16.93
C CYS B 69 -1.89 44.49 -17.10
N VAL B 70 -0.61 44.54 -17.43
CA VAL B 70 0.20 43.34 -17.61
C VAL B 70 1.08 43.16 -16.38
N LEU B 71 1.09 41.93 -15.85
CA LEU B 71 1.86 41.59 -14.66
C LEU B 71 2.62 40.30 -14.92
N GLN B 72 3.53 39.96 -14.01
CA GLN B 72 4.35 38.76 -14.13
C GLN B 72 4.11 37.85 -12.94
N ILE B 73 4.01 36.55 -13.23
CA ILE B 73 3.82 35.53 -12.19
C ILE B 73 5.16 35.28 -11.51
N GLN B 74 5.16 35.22 -10.18
CA GLN B 74 6.35 34.92 -9.41
C GLN B 74 6.30 33.60 -8.66
N LYS B 75 5.11 33.16 -8.24
CA LYS B 75 4.99 31.92 -7.49
C LYS B 75 3.55 31.44 -7.54
N ILE B 76 3.37 30.14 -7.71
CA ILE B 76 2.05 29.51 -7.77
C ILE B 76 1.95 28.48 -6.66
N ARG B 77 0.88 28.54 -5.88
CA ARG B 77 0.65 27.59 -4.80
C ARG B 77 -0.82 27.20 -4.78
N ASN B 78 -1.08 25.91 -4.64
CA ASN B 78 -2.44 25.40 -4.54
C ASN B 78 -2.92 25.53 -3.10
N VAL B 79 -3.90 26.39 -2.87
CA VAL B 79 -4.40 26.59 -1.53
C VAL B 79 -5.50 25.60 -1.16
N ALA B 80 -6.03 24.87 -2.15
CA ALA B 80 -6.99 23.81 -1.88
C ALA B 80 -6.33 22.50 -1.50
N ALA B 81 -5.00 22.41 -1.56
CA ALA B 81 -4.26 21.21 -1.25
C ALA B 81 -3.15 21.52 -0.24
N PRO B 82 -2.80 20.57 0.62
CA PRO B 82 -1.77 20.82 1.63
C PRO B 82 -0.37 20.80 1.01
N LYS B 83 0.60 21.19 1.84
CA LYS B 83 1.98 21.32 1.40
C LYS B 83 2.66 19.98 1.15
N ASP B 84 2.03 18.86 1.53
CA ASP B 84 2.66 17.56 1.34
C ASP B 84 2.21 16.86 0.07
N ASN B 85 1.03 17.19 -0.45
CA ASN B 85 0.49 16.53 -1.62
C ASN B 85 0.53 17.41 -2.87
N GLU B 86 -0.08 18.59 -2.82
CA GLU B 86 -0.20 19.51 -3.95
C GLU B 86 -0.95 18.90 -5.13
N GLU B 87 -1.46 17.68 -4.97
CA GLU B 87 -2.18 17.02 -6.06
C GLU B 87 -3.40 16.24 -5.60
N SER B 88 -3.78 16.31 -4.33
CA SER B 88 -4.93 15.56 -3.84
C SER B 88 -6.21 16.10 -4.46
N GLN B 89 -6.97 15.21 -5.09
CA GLN B 89 -8.23 15.58 -5.73
C GLN B 89 -9.41 15.40 -4.78
N ALA B 90 -9.30 15.97 -3.58
CA ALA B 90 -10.39 15.99 -2.62
C ALA B 90 -11.10 17.33 -2.57
N ALA B 91 -10.64 18.30 -3.36
CA ALA B 91 -11.22 19.63 -3.43
C ALA B 91 -10.84 20.21 -4.78
N PRO B 92 -11.74 20.96 -5.42
CA PRO B 92 -11.37 21.64 -6.67
C PRO B 92 -10.19 22.57 -6.44
N ARG B 93 -9.22 22.52 -7.35
CA ARG B 93 -7.99 23.26 -7.14
C ARG B 93 -8.22 24.75 -7.35
N MET B 94 -7.71 25.55 -6.42
CA MET B 94 -7.80 27.00 -6.48
C MET B 94 -6.40 27.56 -6.30
N LEU B 95 -6.02 28.49 -7.18
CA LEU B 95 -4.64 28.95 -7.27
C LEU B 95 -4.48 30.32 -6.63
N ARG B 96 -3.44 30.47 -5.82
CA ARG B 96 -3.06 31.74 -5.22
C ARG B 96 -1.91 32.30 -6.07
N LEU B 97 -2.26 33.16 -7.02
CA LEU B 97 -1.29 33.71 -7.96
C LEU B 97 -0.57 34.89 -7.32
N GLN B 98 0.74 34.75 -7.12
CA GLN B 98 1.56 35.89 -6.72
C GLN B 98 2.01 36.61 -7.98
N MET B 99 1.60 37.86 -8.13
CA MET B 99 1.83 38.63 -9.35
C MET B 99 2.58 39.90 -8.99
N THR B 100 3.34 40.41 -9.95
CA THR B 100 4.17 41.58 -9.70
C THR B 100 4.22 42.48 -10.92
N ASP B 101 4.49 43.76 -10.66
CA ASP B 101 4.81 44.74 -11.70
C ASP B 101 6.30 45.04 -11.74
N GLY B 102 7.10 44.35 -10.94
CA GLY B 102 8.49 44.70 -10.73
C GLY B 102 8.71 45.73 -9.65
N HIS B 103 7.65 46.39 -9.18
CA HIS B 103 7.75 47.37 -8.12
C HIS B 103 6.95 46.97 -6.89
N ILE B 104 5.68 46.62 -7.05
CA ILE B 104 4.81 46.22 -5.94
C ILE B 104 4.25 44.83 -6.27
N SER B 105 4.29 43.94 -5.29
CA SER B 105 3.82 42.57 -5.46
C SER B 105 2.40 42.46 -4.90
N CYS B 106 1.47 42.00 -5.72
CA CYS B 106 0.09 41.76 -5.32
C CYS B 106 -0.22 40.27 -5.39
N THR B 107 -1.38 39.90 -4.84
CA THR B 107 -1.82 38.52 -4.83
C THR B 107 -3.23 38.44 -5.37
N ALA B 108 -3.49 37.38 -6.15
CA ALA B 108 -4.81 37.13 -6.73
C ALA B 108 -5.23 35.70 -6.41
N VAL B 109 -6.53 35.46 -6.46
CA VAL B 109 -7.07 34.13 -6.22
C VAL B 109 -7.92 33.72 -7.41
N GLU B 110 -7.79 32.46 -7.81
CA GLU B 110 -8.54 31.91 -8.94
C GLU B 110 -9.99 31.70 -8.50
N PHE B 111 -10.88 32.59 -8.91
CA PHE B 111 -12.28 32.55 -8.51
C PHE B 111 -13.11 31.61 -9.36
N SER B 112 -12.51 30.96 -10.36
CA SER B 112 -13.20 30.04 -11.25
C SER B 112 -12.19 28.96 -11.64
N TYR B 113 -12.48 28.23 -12.70
CA TYR B 113 -11.53 27.28 -13.27
C TYR B 113 -10.82 27.96 -14.44
N MET B 114 -9.55 28.29 -14.22
CA MET B 114 -8.71 28.93 -15.25
C MET B 114 -7.82 27.83 -15.83
N SER B 115 -8.21 27.33 -17.01
CA SER B 115 -7.46 26.24 -17.62
C SER B 115 -6.12 26.71 -18.17
N LYS B 116 -6.02 27.99 -18.54
CA LYS B 116 -4.76 28.51 -19.07
C LYS B 116 -3.65 28.46 -18.04
N ILE B 117 -3.95 28.80 -16.79
CA ILE B 117 -2.96 28.83 -15.72
C ILE B 117 -3.05 27.51 -14.96
N SER B 118 -1.92 26.82 -14.85
CA SER B 118 -1.82 25.56 -14.13
C SER B 118 -0.67 25.65 -13.12
N LEU B 119 -0.51 24.60 -12.32
CA LEU B 119 0.56 24.55 -11.35
C LEU B 119 1.93 24.46 -11.99
N ASN B 120 2.00 24.15 -13.28
CA ASN B 120 3.26 24.05 -14.00
C ASN B 120 3.59 25.32 -14.78
N THR B 121 2.86 26.40 -14.53
CA THR B 121 3.15 27.66 -15.21
C THR B 121 4.51 28.20 -14.76
N PRO B 122 5.42 28.49 -15.68
CA PRO B 122 6.74 28.97 -15.28
C PRO B 122 6.68 30.37 -14.73
N PRO B 123 7.36 30.63 -13.61
CA PRO B 123 7.44 32.02 -13.10
C PRO B 123 8.04 32.94 -14.15
N GLY B 124 7.51 34.16 -14.19
CA GLY B 124 7.82 35.10 -15.25
C GLY B 124 6.79 35.12 -16.36
N THR B 125 5.86 34.17 -16.36
CA THR B 125 4.76 34.18 -17.33
C THR B 125 3.94 35.45 -17.17
N LYS B 126 3.69 36.13 -18.28
CA LYS B 126 2.95 37.39 -18.24
C LYS B 126 1.46 37.13 -18.32
N VAL B 127 0.71 37.87 -17.50
CA VAL B 127 -0.74 37.77 -17.45
C VAL B 127 -1.31 39.17 -17.64
N LYS B 128 -2.24 39.30 -18.58
CA LYS B 128 -2.91 40.57 -18.87
C LYS B 128 -4.31 40.54 -18.26
N LEU B 129 -4.61 41.56 -17.46
CA LEU B 129 -5.92 41.75 -16.87
C LEU B 129 -6.64 42.85 -17.63
N SER B 130 -7.84 42.55 -18.12
CA SER B 130 -8.61 43.45 -18.97
C SER B 130 -9.95 43.75 -18.33
N GLY B 131 -10.59 44.80 -18.84
CA GLY B 131 -11.89 45.20 -18.31
C GLY B 131 -11.74 45.71 -16.90
N ILE B 132 -12.59 45.21 -16.00
CA ILE B 132 -12.58 45.59 -14.60
C ILE B 132 -12.31 44.36 -13.77
N VAL B 133 -11.30 44.42 -12.91
CA VAL B 133 -10.93 43.33 -12.02
C VAL B 133 -11.07 43.80 -10.59
N ASP B 134 -11.65 42.96 -9.74
CA ASP B 134 -12.08 43.35 -8.41
C ASP B 134 -11.11 42.86 -7.34
N ILE B 135 -10.62 43.80 -6.54
CA ILE B 135 -9.85 43.55 -5.33
C ILE B 135 -10.83 43.47 -4.17
N LYS B 136 -10.62 42.52 -3.26
CA LYS B 136 -11.38 42.58 -2.01
C LYS B 136 -10.60 41.88 -0.90
N ASN B 137 -10.52 42.55 0.25
CA ASN B 137 -9.78 42.07 1.41
C ASN B 137 -8.36 41.65 1.00
N GLY B 138 -7.68 42.54 0.28
CA GLY B 138 -6.38 42.17 -0.23
C GLY B 138 -6.43 41.63 -1.63
N PHE B 139 -6.57 40.31 -1.73
CA PHE B 139 -6.40 39.60 -2.99
C PHE B 139 -7.36 40.07 -4.08
N LEU B 140 -6.87 40.02 -5.31
CA LEU B 140 -7.67 40.13 -6.52
C LEU B 140 -8.51 38.87 -6.72
N LEU B 141 -9.57 39.00 -7.51
CA LEU B 141 -10.32 37.85 -7.99
C LEU B 141 -10.10 37.71 -9.50
N LEU B 142 -9.60 36.55 -9.93
CA LEU B 142 -9.28 36.32 -11.32
C LEU B 142 -10.09 35.16 -11.89
N ASN B 143 -10.50 35.30 -13.15
CA ASN B 143 -11.20 34.25 -13.87
C ASN B 143 -10.86 34.38 -15.35
N ASP B 144 -11.56 33.59 -16.19
CA ASP B 144 -11.28 33.59 -17.62
C ASP B 144 -11.75 34.86 -18.31
N SER B 145 -12.69 35.60 -17.69
CA SER B 145 -13.28 36.76 -18.37
C SER B 145 -12.33 37.94 -18.45
N ASN B 146 -11.26 37.96 -17.66
CA ASN B 146 -10.36 39.11 -17.63
C ASN B 146 -8.88 38.75 -17.68
N THR B 147 -8.50 37.48 -17.54
CA THR B 147 -7.10 37.09 -17.50
C THR B 147 -6.72 36.41 -18.80
N THR B 148 -5.62 36.87 -19.41
CA THR B 148 -5.08 36.25 -20.62
C THR B 148 -3.59 35.97 -20.41
N VAL B 149 -3.16 34.76 -20.72
CA VAL B 149 -1.77 34.35 -20.54
C VAL B 149 -1.00 34.68 -21.82
N LEU B 150 -0.08 35.64 -21.72
CA LEU B 150 0.70 36.08 -22.87
C LEU B 150 2.06 35.38 -22.93
N GLY B 151 2.00 34.06 -22.99
CA GLY B 151 3.21 33.24 -23.11
C GLY B 151 4.18 33.39 -21.96
N GLY B 152 5.36 33.95 -22.24
CA GLY B 152 6.36 34.18 -21.20
C GLY B 152 7.47 33.16 -21.18
N GLU B 153 8.70 33.63 -21.40
CA GLU B 153 9.87 32.74 -21.39
C GLU B 153 11.09 33.59 -21.07
N VAL B 154 11.53 33.56 -19.81
CA VAL B 154 12.72 34.30 -19.38
C VAL B 154 13.67 33.34 -18.67
N GLU B 155 14.85 33.17 -19.25
CA GLU B 155 15.69 32.01 -18.96
C GLU B 155 16.16 31.99 -17.50
N HIS B 156 16.53 33.14 -16.94
CA HIS B 156 17.15 33.12 -15.62
C HIS B 156 16.16 32.66 -14.55
N LEU B 157 14.95 33.21 -14.53
CA LEU B 157 14.03 32.75 -13.51
C LEU B 157 13.32 31.46 -13.89
N ILE B 158 13.31 31.03 -15.15
CA ILE B 158 12.90 29.65 -15.41
C ILE B 158 13.92 28.66 -14.86
N GLU B 159 15.22 28.98 -15.00
CA GLU B 159 16.25 28.15 -14.39
C GLU B 159 16.14 28.19 -12.87
N LYS B 160 15.76 29.33 -12.31
CA LYS B 160 15.47 29.39 -10.87
C LYS B 160 14.26 28.52 -10.51
N TRP B 161 13.23 28.53 -11.36
CA TRP B 161 12.05 27.70 -11.14
C TRP B 161 12.37 26.22 -11.25
N GLU B 162 13.47 25.87 -11.92
CA GLU B 162 13.95 24.49 -11.97
C GLU B 162 14.24 23.95 -10.57
N LEU B 163 14.20 24.84 -9.56
CA LEU B 163 14.19 24.36 -8.18
C LEU B 163 12.93 23.56 -7.88
N GLN B 164 11.91 23.64 -8.73
CA GLN B 164 10.78 22.72 -8.62
C GLN B 164 11.22 21.29 -8.90
N ARG B 165 11.98 21.09 -9.98
CA ARG B 165 12.56 19.77 -10.25
C ARG B 165 13.54 19.39 -9.16
N SER B 166 14.33 20.36 -8.69
CA SER B 166 15.27 20.10 -7.61
C SER B 166 14.56 19.66 -6.33
N LEU B 167 13.33 20.14 -6.11
CA LEU B 167 12.57 19.75 -4.93
C LEU B 167 12.25 18.25 -4.95
N SER B 168 11.86 17.74 -6.11
CA SER B 168 11.61 16.32 -6.25
C SER B 168 12.94 15.58 -6.30
N LYS B 169 13.46 15.18 -5.14
CA LYS B 169 14.78 14.58 -5.02
C LYS B 169 14.69 13.24 -4.31
N HIS B 170 13.76 12.40 -4.77
CA HIS B 170 13.59 11.06 -4.23
C HIS B 170 14.74 10.12 -4.61
N ASN B 171 15.78 10.63 -5.27
CA ASN B 171 16.94 9.83 -5.65
C ASN B 171 17.80 9.45 -4.45
N ARG B 172 17.47 9.93 -3.24
CA ARG B 172 18.24 9.62 -2.04
C ARG B 172 17.92 8.19 -1.55
N SER B 173 18.22 7.23 -2.42
CA SER B 173 17.98 5.83 -2.14
C SER B 173 19.25 4.99 -2.05
N ASN B 174 20.38 5.50 -2.53
CA ASN B 174 21.67 4.76 -2.42
C ASN B 174 21.58 3.44 -3.18
N ILE B 175 20.97 3.44 -4.36
CA ILE B 175 20.83 2.26 -5.20
C ILE B 175 21.56 2.53 -6.51
N GLY B 176 22.50 1.65 -6.86
CA GLY B 176 23.30 1.83 -8.05
C GLY B 176 24.50 2.73 -7.88
N THR B 177 24.74 3.25 -6.68
CA THR B 177 25.91 4.08 -6.43
C THR B 177 27.18 3.26 -6.58
N GLU B 178 28.25 3.93 -7.00
CA GLU B 178 29.53 3.25 -7.22
C GLU B 178 30.00 2.56 -5.95
N GLY B 179 30.00 3.28 -4.83
CA GLY B 179 30.32 2.68 -3.55
C GLY B 179 29.09 2.25 -2.78
N GLY B 180 28.18 1.54 -3.44
CA GLY B 180 26.92 1.17 -2.83
C GLY B 180 26.63 -0.32 -2.90
N PRO B 181 25.41 -0.71 -2.53
CA PRO B 181 25.05 -2.12 -2.53
C PRO B 181 24.98 -2.67 -3.94
N PRO B 182 25.23 -3.96 -4.13
CA PRO B 182 25.06 -4.57 -5.46
C PRO B 182 23.62 -4.50 -5.91
N PRO B 183 23.36 -4.26 -7.20
CA PRO B 183 21.99 -4.16 -7.68
C PRO B 183 21.40 -5.52 -8.03
N PHE B 184 20.07 -5.56 -8.06
CA PHE B 184 19.33 -6.77 -8.40
C PHE B 184 19.05 -6.75 -9.90
N VAL B 185 19.83 -7.51 -10.65
CA VAL B 185 19.59 -7.62 -12.10
C VAL B 185 18.30 -8.39 -12.35
N PRO B 186 17.47 -7.97 -13.31
CA PRO B 186 16.22 -8.70 -13.56
C PRO B 186 16.49 -10.11 -14.07
N PHE B 187 15.53 -11.00 -13.79
CA PHE B 187 15.70 -12.42 -14.14
C PHE B 187 15.67 -12.61 -15.65
N GLY B 188 16.46 -13.56 -16.13
CA GLY B 188 16.52 -13.89 -17.54
C GLY B 188 15.41 -14.83 -17.96
N GLN B 189 15.52 -15.31 -19.20
CA GLN B 189 14.52 -16.22 -19.76
C GLN B 189 15.16 -17.58 -20.08
MN MN C . -2.50 -28.01 3.15
ZN ZN D . 24.51 21.31 0.94
ZN ZN E . 13.58 12.66 13.84
ZN ZN F . 20.44 18.48 3.80
#